data_2EAT
#
_entry.id   2EAT
#
_cell.length_a   62.899
_cell.length_b   95.645
_cell.length_c   155.100
_cell.angle_alpha   90.00
_cell.angle_beta   95.24
_cell.angle_gamma   90.00
#
_symmetry.space_group_name_H-M   'P 1 21 1'
#
loop_
_entity.id
_entity.type
_entity.pdbx_description
1 polymer 'Sarcoplasmic/endoplasmic reticulum calcium ATPase 1'
2 non-polymer 'OCTANOIC ACID [3S-[3ALPHA, 3ABETA, 4ALPHA, 6BETA, 6ABETA, 7BETA, 8ALPHA(Z), 9BALPHA]]-6-(ACETYLOXY)-2,3,-3A,4,5,6,6A,7,8,9B-DECAHYDRO-3,3A-DIHYDROXY-3,6,9-TRIMETHYL-8-[(2-METHYL-1-OXO-2-BUTENYL)OX Y]-2-OXO-4-(1-OXOBUTOXY)-AZULENO[4,5-B]FURAN-7-YL ESTER'
3 non-polymer "(6AR,11AS,11BR)-10-ACETYL-9-HYDROXY-7,7-DIMETHYL-2,6,6A,7,11A,11B-HEXAHYDRO-11H-PYRROLO[1',2':2,3]ISOINDOLO[4,5,6-CD]INDOL-11-ONE"
#
_entity_poly.entity_id   1
_entity_poly.type   'polypeptide(L)'
_entity_poly.pdbx_seq_one_letter_code
;(ACE)MEAAHSKSTEECLAYFGVSETTGLTPDQVKRHLEKYGHNELPAEEGKSLWELVIEQFEDLLVRILLLAACISFVL
AWFEEGEETITAFVEPFVILLILIANAIVGVWQERNAENAIEALKEYEPEMGKVYRADRKSVQRIKARDIVPGDIVEVAV
GDKVPADIRILSIKSTTLRVDQSILTGESVSVIKHTEPVPDPRAVNQDKKNMLFSGTNIAAGKALGIVATTGVSTEIGKI
RDQMAATEQDKTPLQQKLDEFGEQLSKVISLICVAVWLINIGHFNDPVHGGSWIRGAIYYFKIAVALAVAAIPEGLPAVI
TTCLALGTRRMAKKNAIVRSLPSVETLGCTSVICSDKTGTLTTNQMSVCKMFIIDKVDGDFCSLNEFSITGSTYAPEGEV
LKNDKPIRSGQFDGLVELATICALCNDSSLDFNETKGVYEKVGEATETALTTLVEKMNVFNTEVRNLSKVERANACNSVI
RQLMKKEFTLEFSRDRKSMSVYCSPAKSSRAAVGNKMFVKGAPEGVIDRCNYVRVGTTRVPMTGPVKEKILSVIKEWGTG
RDTLRCLALATRDTPPKREEMVLDDSSRFMEYETDLTFVGVVGMLDPPRKEVMGSIQLCRDAGIRVIMITGDNKGTAIAI
CRRIGIFGENEEVADRAYTGREFDDLPLAEQREACRRACCFARVEPSHKSKIVEYLQSYDEITAMTGDGVNDAPALKKAE
IGIAMGSGTAVAKTASEMVLADDNFSTIVAAVEEGRAIYNNMKQFIRYLISSNVGEVVCIFLTAALGLPEALIPVQLLWV
NLVTDGLPATALGFNPPDLDIMDRPPRSPKEPLISGWLFFRYMAIGGYVGAATVGAAAWWFMYAEDGPGVTYHQLTHFMQ
CTEDHPHFEGLDCEIFEAPEPMTMALSVLVTIEMCNALNSLSENQSLMRMPPWVNIWLLGSICLSMSLHFLILYVDPLPM
IFKLKALDLTQWLMVLKISLPVIGLDEILKFIARNYLEG
;
_entity_poly.pdbx_strand_id   A
#
loop_
_chem_comp.id
_chem_comp.type
_chem_comp.name
_chem_comp.formula
ACE non-polymer 'ACETYL GROUP' 'C2 H4 O'
CZA non-polymer (6AR,11AS,11BR)-10-ACETYL-9-HYDROXY-7,7-DIMETHYL-2,6,6A,7,11A,11B-HEXAHYDRO-11H-PYRROLO[1',2':2,3]ISOINDOLO[4,5,6-CD]INDOL-11-ONE 'C20 H20 N2 O3'
TG1 non-polymer 'OCTANOIC ACID [3S-[3ALPHA, 3ABETA, 4ALPHA, 6BETA, 6ABETA, 7BETA, 8ALPHA(Z), 9BALPHA]]-6-(ACETYLOXY)-2,3,-3A,4,5,6,6A,7,8,9B-DECAHYDRO-3,3A-DIHYDROXY-3,6,9-TRIMETHYL-8-[(2-METHYL-1-OXO-2-BUTENYL)OX Y]-2-OXO-4-(1-OXOBUTOXY)-AZULENO[4,5-B]FURAN-7-YL ESTER' 'C34 H50 O12'
#
# COMPACT_ATOMS: atom_id res chain seq x y z
C ACE A 1 -23.10 26.78 10.23
O ACE A 1 -21.93 26.88 9.84
CH3 ACE A 1 -24.02 28.00 10.24
N MET A 2 -23.47 25.83 11.10
CA MET A 2 -22.94 24.49 11.12
C MET A 2 -23.97 23.72 11.88
N GLU A 3 -24.64 22.81 11.20
CA GLU A 3 -25.70 22.09 11.83
C GLU A 3 -25.27 20.65 11.96
N ALA A 4 -25.89 19.90 12.86
CA ALA A 4 -25.66 18.45 12.95
C ALA A 4 -26.91 17.63 12.55
N ALA A 5 -27.52 18.00 11.42
CA ALA A 5 -28.87 17.56 11.08
C ALA A 5 -29.22 17.40 9.61
N HIS A 6 -29.42 16.11 9.33
CA HIS A 6 -30.02 15.45 8.21
C HIS A 6 -31.29 14.89 8.80
N SER A 7 -31.38 15.06 10.11
CA SER A 7 -32.39 14.50 10.99
C SER A 7 -33.45 15.51 11.32
N LYS A 8 -33.37 16.68 10.70
CA LYS A 8 -34.29 17.77 11.02
C LYS A 8 -35.14 18.08 9.78
N SER A 9 -36.31 18.66 10.02
CA SER A 9 -37.20 19.07 8.97
C SER A 9 -36.58 20.21 8.16
N THR A 10 -37.14 20.48 6.99
CA THR A 10 -36.63 21.59 6.21
C THR A 10 -36.89 22.89 6.94
N GLU A 11 -38.08 23.02 7.54
CA GLU A 11 -38.37 24.14 8.45
C GLU A 11 -37.26 24.28 9.50
N GLU A 12 -37.05 23.22 10.28
CA GLU A 12 -36.10 23.24 11.38
C GLU A 12 -34.74 23.84 11.00
N CYS A 13 -34.24 23.47 9.82
CA CYS A 13 -32.94 23.97 9.35
C CYS A 13 -32.97 25.41 8.98
N LEU A 14 -34.13 25.87 8.50
CA LEU A 14 -34.27 27.24 8.06
C LEU A 14 -34.26 28.09 9.30
N ALA A 15 -35.10 27.68 10.25
CA ALA A 15 -35.22 28.30 11.56
C ALA A 15 -33.91 28.26 12.34
N TYR A 16 -33.09 27.25 12.08
CA TYR A 16 -31.83 27.15 12.77
C TYR A 16 -31.06 28.42 12.52
N PHE A 17 -30.75 28.67 11.25
CA PHE A 17 -30.07 29.89 10.82
C PHE A 17 -31.00 31.09 10.55
N GLY A 18 -32.27 31.01 10.92
CA GLY A 18 -33.20 32.09 10.61
C GLY A 18 -33.04 32.63 9.19
N VAL A 19 -33.04 31.73 8.21
CA VAL A 19 -33.02 32.12 6.80
C VAL A 19 -34.38 31.87 6.19
N SER A 20 -34.67 32.63 5.15
CA SER A 20 -35.85 32.39 4.35
C SER A 20 -35.40 31.69 3.09
N GLU A 21 -36.14 30.64 2.72
CA GLU A 21 -35.85 29.84 1.55
C GLU A 21 -35.94 30.70 0.29
N THR A 22 -36.72 31.77 0.37
CA THR A 22 -36.93 32.64 -0.77
C THR A 22 -35.95 33.81 -0.86
N THR A 23 -35.48 34.32 0.29
CA THR A 23 -34.56 35.47 0.27
C THR A 23 -33.10 35.10 0.52
N GLY A 24 -32.88 34.08 1.34
CA GLY A 24 -31.53 33.67 1.72
C GLY A 24 -30.91 34.62 2.72
N LEU A 25 -29.61 34.44 2.94
CA LEU A 25 -28.87 35.16 3.98
C LEU A 25 -28.62 36.60 3.59
N THR A 26 -28.76 37.49 4.58
CA THR A 26 -28.52 38.93 4.41
C THR A 26 -27.02 39.26 4.51
N PRO A 27 -26.60 40.38 3.89
CA PRO A 27 -25.17 40.74 3.91
C PRO A 27 -24.54 40.69 5.30
N ASP A 28 -25.34 40.97 6.34
CA ASP A 28 -24.85 40.99 7.72
C ASP A 28 -24.72 39.58 8.25
N GLN A 29 -25.75 38.78 8.02
CA GLN A 29 -25.67 37.36 8.30
C GLN A 29 -24.42 36.77 7.68
N VAL A 30 -24.18 37.06 6.40
CA VAL A 30 -22.99 36.56 5.72
C VAL A 30 -21.72 36.88 6.51
N LYS A 31 -21.57 38.14 6.89
CA LYS A 31 -20.46 38.61 7.75
C LYS A 31 -20.41 37.88 9.07
N ARG A 32 -21.53 37.82 9.79
CA ARG A 32 -21.59 37.13 11.08
C ARG A 32 -21.14 35.68 10.94
N HIS A 33 -21.74 35.01 9.96
CA HIS A 33 -21.51 33.59 9.72
C HIS A 33 -20.07 33.32 9.30
N LEU A 34 -19.57 34.10 8.35
CA LEU A 34 -18.19 33.96 7.88
C LEU A 34 -17.16 34.06 9.02
N GLU A 35 -17.51 34.81 10.06
CA GLU A 35 -16.63 35.00 11.20
C GLU A 35 -16.72 33.81 12.14
N LYS A 36 -17.95 33.34 12.35
CA LYS A 36 -18.20 32.16 13.19
C LYS A 36 -17.53 30.92 12.60
N TYR A 37 -17.56 30.77 11.27
CA TYR A 37 -17.22 29.49 10.66
C TYR A 37 -15.99 29.47 9.73
N GLY A 38 -15.48 30.62 9.37
CA GLY A 38 -14.33 30.67 8.49
C GLY A 38 -14.80 30.49 7.06
N HIS A 39 -13.86 30.37 6.14
CA HIS A 39 -14.22 30.16 4.75
C HIS A 39 -14.44 28.68 4.47
N ASN A 40 -15.13 28.39 3.37
CA ASN A 40 -15.42 27.03 2.96
C ASN A 40 -14.22 26.35 2.29
N GLU A 41 -13.18 26.10 3.08
CA GLU A 41 -11.91 25.60 2.53
C GLU A 41 -11.13 24.76 3.53
N LEU A 42 -10.46 23.72 3.01
CA LEU A 42 -9.50 22.97 3.82
C LEU A 42 -8.21 23.78 3.96
N PRO A 43 -7.56 23.70 5.12
CA PRO A 43 -6.33 24.45 5.35
C PRO A 43 -5.27 24.23 4.28
N ALA A 44 -4.41 25.23 4.09
CA ALA A 44 -3.29 25.12 3.15
C ALA A 44 -2.24 24.20 3.74
N GLU A 45 -1.43 23.58 2.86
CA GLU A 45 -0.31 22.75 3.29
C GLU A 45 0.99 23.49 3.04
N GLU A 46 1.78 23.65 4.10
CA GLU A 46 2.93 24.55 4.09
C GLU A 46 4.28 23.85 3.93
N GLY A 47 4.28 22.53 3.79
CA GLY A 47 5.52 21.78 3.60
C GLY A 47 5.96 21.72 2.15
N LYS A 48 6.12 22.89 1.53
CA LYS A 48 6.26 22.99 0.07
C LYS A 48 7.66 22.64 -0.47
N SER A 49 7.90 23.07 -1.70
CA SER A 49 9.04 22.62 -2.51
C SER A 49 10.33 23.44 -2.39
N LEU A 50 10.37 24.39 -1.44
CA LEU A 50 11.54 25.24 -1.25
C LEU A 50 12.76 24.45 -0.76
N TRP A 51 13.95 25.03 -0.91
CA TRP A 51 15.24 24.37 -0.65
C TRP A 51 15.35 23.68 0.71
N GLU A 52 14.39 23.95 1.58
CA GLU A 52 14.26 23.29 2.88
C GLU A 52 14.55 21.80 2.76
N LEU A 53 14.14 21.22 1.62
CA LEU A 53 14.49 19.86 1.23
C LEU A 53 15.94 19.52 1.59
N VAL A 54 16.86 20.32 1.04
CA VAL A 54 18.30 20.06 1.10
C VAL A 54 18.92 20.40 2.45
N ILE A 55 18.66 21.60 2.98
CA ILE A 55 19.18 22.00 4.30
C ILE A 55 18.79 20.99 5.41
N GLU A 56 17.67 20.29 5.20
CA GLU A 56 17.28 19.15 6.03
C GLU A 56 18.21 17.97 5.74
N GLN A 57 18.44 17.69 4.45
CA GLN A 57 19.27 16.55 4.03
C GLN A 57 20.66 16.61 4.66
N PHE A 58 21.16 17.82 4.83
CA PHE A 58 22.47 18.06 5.44
C PHE A 58 22.42 18.09 6.97
N GLU A 59 21.22 18.10 7.54
CA GLU A 59 21.05 18.24 8.99
C GLU A 59 21.46 16.97 9.75
N ASP A 60 21.62 15.87 9.02
CA ASP A 60 21.96 14.57 9.63
C ASP A 60 23.39 14.53 10.17
N LEU A 61 23.62 13.69 11.17
CA LEU A 61 24.93 13.54 11.79
C LEU A 61 26.00 13.05 10.82
N LEU A 62 25.83 11.84 10.31
CA LEU A 62 26.80 11.24 9.40
C LEU A 62 26.94 12.00 8.10
N VAL A 63 26.18 13.08 7.95
CA VAL A 63 26.39 14.01 6.86
C VAL A 63 27.25 15.16 7.36
N ARG A 64 26.87 15.70 8.52
CA ARG A 64 27.63 16.78 9.15
C ARG A 64 29.07 16.36 9.45
N ILE A 65 29.25 15.14 9.96
CA ILE A 65 30.56 14.59 10.26
C ILE A 65 31.45 14.48 9.01
N LEU A 66 30.83 14.13 7.87
CA LEU A 66 31.57 14.04 6.62
C LEU A 66 31.70 15.42 5.94
N LEU A 67 31.01 16.42 6.49
CA LEU A 67 31.13 17.80 6.01
C LEU A 67 32.16 18.59 6.83
N LEU A 68 32.22 18.32 8.14
CA LEU A 68 33.27 18.86 9.00
C LEU A 68 34.62 18.36 8.50
N ALA A 69 34.67 17.08 8.15
CA ALA A 69 35.86 16.46 7.57
C ALA A 69 36.08 16.89 6.12
N ALA A 70 35.13 17.61 5.55
CA ALA A 70 35.31 18.20 4.23
C ALA A 70 36.00 19.56 4.37
N CYS A 71 35.65 20.29 5.43
CA CYS A 71 36.27 21.57 5.73
C CYS A 71 37.72 21.39 6.18
N ILE A 72 37.94 20.41 7.04
CA ILE A 72 39.27 20.04 7.50
C ILE A 72 40.14 19.62 6.31
N SER A 73 39.54 18.89 5.36
CA SER A 73 40.23 18.48 4.15
C SER A 73 40.60 19.67 3.24
N PHE A 74 39.77 20.70 3.23
CA PHE A 74 40.05 21.89 2.43
C PHE A 74 41.18 22.74 3.02
N VAL A 75 41.20 22.86 4.34
CA VAL A 75 42.28 23.59 5.04
C VAL A 75 43.62 22.84 4.91
N LEU A 76 43.57 21.51 4.99
CA LEU A 76 44.77 20.68 4.77
C LEU A 76 45.28 20.77 3.34
N ALA A 77 44.35 20.83 2.37
CA ALA A 77 44.70 21.01 0.97
C ALA A 77 45.04 22.47 0.67
N TRP A 78 46.10 22.95 1.33
CA TRP A 78 46.62 24.31 1.18
C TRP A 78 48.03 24.35 1.77
N PHE A 79 48.15 23.92 3.02
CA PHE A 79 49.44 23.71 3.69
C PHE A 79 50.00 22.36 3.26
N GLU A 80 51.10 22.38 2.49
CA GLU A 80 51.66 21.13 1.93
C GLU A 80 53.19 21.06 1.81
N GLU A 81 53.70 19.84 1.92
CA GLU A 81 55.13 19.55 1.76
C GLU A 81 55.34 18.39 0.76
N GLY A 82 56.51 17.77 0.80
CA GLY A 82 56.83 16.62 -0.04
C GLY A 82 57.26 17.02 -1.43
N GLU A 83 56.30 17.04 -2.36
CA GLU A 83 56.55 17.45 -3.75
C GLU A 83 55.67 18.63 -4.19
N GLU A 84 54.95 19.23 -3.23
CA GLU A 84 54.15 20.44 -3.44
C GLU A 84 53.35 20.41 -4.74
N THR A 85 52.62 19.31 -4.95
CA THR A 85 51.92 19.07 -6.21
C THR A 85 50.49 19.63 -6.15
N ILE A 86 50.01 20.10 -7.30
CA ILE A 86 48.70 20.75 -7.45
C ILE A 86 47.56 19.72 -7.56
N THR A 87 47.94 18.44 -7.69
CA THR A 87 46.98 17.35 -7.91
C THR A 87 46.19 16.96 -6.66
N ALA A 88 46.73 17.28 -5.49
CA ALA A 88 46.09 16.95 -4.20
C ALA A 88 44.94 17.88 -3.80
N PHE A 89 44.53 18.73 -4.75
CA PHE A 89 43.41 19.65 -4.56
C PHE A 89 42.07 18.92 -4.82
N VAL A 90 42.15 17.73 -5.41
CA VAL A 90 40.97 16.91 -5.73
C VAL A 90 40.42 16.21 -4.48
N GLU A 91 41.25 16.11 -3.46
CA GLU A 91 40.89 15.46 -2.19
C GLU A 91 39.72 16.12 -1.43
N PRO A 92 39.75 17.45 -1.21
CA PRO A 92 38.59 18.07 -0.56
C PRO A 92 37.46 18.38 -1.55
N PHE A 93 37.72 18.13 -2.83
CA PHE A 93 36.76 18.37 -3.91
C PHE A 93 35.87 17.15 -4.15
N VAL A 94 36.43 15.95 -3.92
CA VAL A 94 35.70 14.70 -4.15
C VAL A 94 34.63 14.43 -3.08
N ILE A 95 34.97 14.67 -1.81
CA ILE A 95 34.00 14.55 -0.72
C ILE A 95 32.81 15.46 -0.96
N LEU A 96 33.08 16.73 -1.26
CA LEU A 96 32.04 17.70 -1.60
C LEU A 96 31.14 17.20 -2.73
N LEU A 97 31.72 16.51 -3.71
CA LEU A 97 30.95 15.95 -4.83
C LEU A 97 30.05 14.80 -4.37
N ILE A 98 30.55 13.99 -3.45
CA ILE A 98 29.79 12.87 -2.90
C ILE A 98 28.71 13.37 -1.95
N LEU A 99 29.01 14.46 -1.25
CA LEU A 99 28.03 15.12 -0.40
C LEU A 99 26.92 15.80 -1.21
N ILE A 100 27.24 16.18 -2.44
CA ILE A 100 26.22 16.72 -3.34
C ILE A 100 25.43 15.58 -4.00
N ALA A 101 26.14 14.56 -4.50
CA ALA A 101 25.51 13.43 -5.18
C ALA A 101 24.58 12.62 -4.27
N ASN A 102 24.96 12.47 -3.00
CA ASN A 102 24.12 11.77 -2.02
C ASN A 102 22.98 12.64 -1.48
N ALA A 103 23.07 13.94 -1.70
CA ALA A 103 22.01 14.87 -1.34
C ALA A 103 20.93 14.92 -2.43
N ILE A 104 21.33 15.33 -3.64
CA ILE A 104 20.42 15.39 -4.79
C ILE A 104 19.57 14.12 -4.90
N VAL A 105 20.24 12.97 -4.93
CA VAL A 105 19.58 11.66 -5.05
C VAL A 105 18.89 11.26 -3.74
N GLY A 106 19.40 11.76 -2.62
CA GLY A 106 18.79 11.52 -1.32
C GLY A 106 17.49 12.28 -1.14
N VAL A 107 17.49 13.55 -1.55
CA VAL A 107 16.31 14.40 -1.49
C VAL A 107 15.40 14.15 -2.70
N TRP A 108 14.97 12.90 -2.83
CA TRP A 108 14.10 12.48 -3.93
C TRP A 108 12.66 12.37 -3.44
N GLN A 109 12.14 13.51 -2.98
CA GLN A 109 10.75 13.65 -2.52
C GLN A 109 9.86 14.22 -3.61
N GLU A 110 9.98 13.64 -4.80
CA GLU A 110 8.99 13.80 -5.87
C GLU A 110 8.05 12.59 -5.78
N ARG A 111 8.57 11.50 -5.21
CA ARG A 111 7.78 10.30 -4.89
C ARG A 111 6.78 10.61 -3.77
N ASN A 112 7.19 11.50 -2.86
CA ASN A 112 6.34 11.99 -1.77
C ASN A 112 5.75 13.39 -2.05
N ALA A 113 5.95 13.89 -3.26
CA ALA A 113 5.39 15.19 -3.66
C ALA A 113 3.88 15.11 -3.69
N GLU A 114 3.35 13.98 -4.17
CA GLU A 114 1.92 13.72 -4.10
C GLU A 114 1.55 13.08 -2.77
N ASN A 115 1.05 13.92 -1.86
CA ASN A 115 0.54 13.49 -0.57
C ASN A 115 -0.99 13.52 -0.61
N ALA A 116 -1.62 12.56 0.06
CA ALA A 116 -3.07 12.30 -0.07
C ALA A 116 -4.01 13.43 0.37
N ILE A 117 -3.55 14.28 1.30
CA ILE A 117 -4.34 15.41 1.79
C ILE A 117 -4.36 16.51 0.75
N GLU A 118 -3.30 16.59 -0.05
CA GLU A 118 -3.22 17.49 -1.20
C GLU A 118 -4.28 17.12 -2.21
N ALA A 119 -4.32 15.83 -2.57
CA ALA A 119 -5.24 15.31 -3.58
C ALA A 119 -6.70 15.66 -3.29
N LEU A 120 -6.98 16.04 -2.04
CA LEU A 120 -8.33 16.37 -1.58
C LEU A 120 -8.87 17.73 -2.03
N LYS A 121 -7.99 18.58 -2.55
CA LYS A 121 -8.40 19.89 -3.09
C LYS A 121 -9.12 19.73 -4.42
N GLU A 122 -8.80 18.65 -5.13
CA GLU A 122 -9.42 18.32 -6.40
C GLU A 122 -10.95 18.32 -6.33
N TYR A 123 -11.50 17.98 -5.18
CA TYR A 123 -12.95 17.84 -5.02
C TYR A 123 -13.66 19.06 -4.43
N GLU A 124 -12.90 20.11 -4.10
CA GLU A 124 -13.54 21.38 -3.78
C GLU A 124 -13.54 22.28 -5.01
N PRO A 125 -14.74 22.66 -5.48
CA PRO A 125 -14.77 23.48 -6.68
C PRO A 125 -14.46 24.93 -6.33
N GLU A 126 -14.13 25.70 -7.36
CA GLU A 126 -13.80 27.10 -7.20
C GLU A 126 -15.09 27.92 -7.05
N MET A 127 -16.19 27.38 -7.59
CA MET A 127 -17.41 28.16 -7.78
C MET A 127 -18.63 27.51 -7.13
N GLY A 128 -19.54 28.34 -6.63
CA GLY A 128 -20.83 27.86 -6.15
C GLY A 128 -21.87 28.92 -6.39
N LYS A 129 -23.14 28.53 -6.49
CA LYS A 129 -24.21 29.51 -6.67
C LYS A 129 -25.13 29.60 -5.47
N VAL A 130 -25.48 30.84 -5.11
CA VAL A 130 -26.21 31.12 -3.86
C VAL A 130 -27.35 32.12 -4.11
N TYR A 131 -28.30 32.18 -3.16
CA TYR A 131 -29.43 33.12 -3.21
C TYR A 131 -29.45 34.08 -2.02
N ARG A 132 -28.46 34.97 -1.93
CA ARG A 132 -28.40 35.96 -0.84
C ARG A 132 -29.49 37.04 -0.99
N ALA A 133 -29.72 37.80 0.09
CA ALA A 133 -30.82 38.78 0.14
C ALA A 133 -30.59 40.06 -0.71
N ASP A 134 -29.34 40.29 -1.10
CA ASP A 134 -28.91 41.52 -1.77
C ASP A 134 -29.11 41.52 -3.29
N ARG A 135 -29.49 40.35 -3.84
CA ARG A 135 -29.90 40.23 -5.25
C ARG A 135 -31.01 39.19 -5.29
N LYS A 136 -32.03 39.45 -6.11
CA LYS A 136 -33.04 38.43 -6.34
C LYS A 136 -32.52 37.35 -7.30
N SER A 137 -31.45 37.68 -8.00
CA SER A 137 -30.81 36.74 -8.94
C SER A 137 -29.86 35.75 -8.24
N VAL A 138 -29.26 34.87 -9.03
CA VAL A 138 -28.53 33.72 -8.53
C VAL A 138 -27.00 33.93 -8.41
N GLN A 139 -26.60 34.87 -7.55
CA GLN A 139 -25.16 35.13 -7.39
C GLN A 139 -24.30 33.85 -7.44
N ARG A 140 -23.35 33.84 -8.37
CA ARG A 140 -22.44 32.72 -8.55
C ARG A 140 -21.08 33.05 -7.94
N ILE A 141 -20.87 32.69 -6.68
CA ILE A 141 -19.67 33.13 -5.94
C ILE A 141 -18.58 32.08 -5.77
N LYS A 142 -17.40 32.54 -5.37
CA LYS A 142 -16.31 31.65 -4.97
C LYS A 142 -16.79 30.68 -3.89
N ALA A 143 -16.76 29.38 -4.19
CA ALA A 143 -17.14 28.33 -3.22
C ALA A 143 -16.54 28.64 -1.84
N ARG A 144 -15.31 29.13 -1.86
CA ARG A 144 -14.60 29.58 -0.68
C ARG A 144 -15.44 30.45 0.27
N ASP A 145 -16.26 31.33 -0.32
CA ASP A 145 -17.01 32.32 0.46
C ASP A 145 -18.43 31.84 0.74
N ILE A 146 -18.63 30.54 0.73
CA ILE A 146 -19.95 30.00 1.05
C ILE A 146 -20.01 29.72 2.55
N VAL A 147 -21.13 30.13 3.16
CA VAL A 147 -21.26 29.95 4.59
C VAL A 147 -22.43 29.06 4.96
N PRO A 148 -22.29 28.37 6.10
CA PRO A 148 -23.38 27.58 6.57
C PRO A 148 -24.57 28.47 6.85
N GLY A 149 -25.74 28.02 6.43
CA GLY A 149 -26.91 28.84 6.47
C GLY A 149 -27.26 29.41 5.11
N ASP A 150 -26.30 29.62 4.20
CA ASP A 150 -26.78 30.22 2.94
C ASP A 150 -27.33 29.22 1.96
N ILE A 151 -28.46 29.64 1.39
CA ILE A 151 -29.21 28.91 0.40
C ILE A 151 -28.44 28.75 -0.92
N VAL A 152 -28.18 27.48 -1.25
CA VAL A 152 -27.36 27.08 -2.39
C VAL A 152 -28.19 26.46 -3.48
N GLU A 153 -27.64 26.51 -4.70
CA GLU A 153 -28.29 25.89 -5.84
C GLU A 153 -27.31 24.99 -6.55
N VAL A 154 -27.82 23.86 -7.00
CA VAL A 154 -27.02 22.86 -7.67
C VAL A 154 -27.85 22.31 -8.82
N ALA A 155 -27.17 22.04 -9.94
CA ALA A 155 -27.79 21.43 -11.09
C ALA A 155 -26.85 20.40 -11.71
N VAL A 156 -27.37 19.57 -12.63
CA VAL A 156 -26.56 18.60 -13.43
C VAL A 156 -25.15 19.10 -13.73
N GLY A 157 -24.16 18.25 -13.46
CA GLY A 157 -22.77 18.58 -13.81
C GLY A 157 -22.01 19.26 -12.68
N ASP A 158 -22.73 19.96 -11.82
CA ASP A 158 -22.10 20.64 -10.69
C ASP A 158 -21.48 19.71 -9.65
N LYS A 159 -20.24 20.04 -9.27
CA LYS A 159 -19.62 19.50 -8.08
C LYS A 159 -20.28 20.19 -6.90
N VAL A 160 -20.80 19.41 -5.94
CA VAL A 160 -21.43 19.97 -4.72
C VAL A 160 -20.44 20.81 -3.90
N PRO A 161 -20.76 22.10 -3.70
CA PRO A 161 -19.83 23.07 -3.09
C PRO A 161 -19.61 22.94 -1.57
N ALA A 162 -20.55 22.31 -0.84
CA ALA A 162 -20.47 22.15 0.64
C ALA A 162 -21.48 21.06 1.13
N ASP A 163 -21.43 20.64 2.39
CA ASP A 163 -22.43 19.69 2.87
C ASP A 163 -23.76 20.42 3.02
N ILE A 164 -24.73 20.00 2.22
CA ILE A 164 -25.96 20.75 2.06
C ILE A 164 -27.14 19.87 2.38
N ARG A 165 -28.08 20.42 3.16
CA ARG A 165 -29.35 19.83 3.47
C ARG A 165 -30.33 20.20 2.36
N ILE A 166 -30.84 19.21 1.64
CA ILE A 166 -31.70 19.48 0.49
C ILE A 166 -32.97 20.09 1.05
N LEU A 167 -33.55 21.04 0.31
CA LEU A 167 -34.75 21.74 0.73
C LEU A 167 -35.85 21.53 -0.29
N SER A 168 -35.49 21.63 -1.56
CA SER A 168 -36.49 21.55 -2.62
C SER A 168 -35.87 21.02 -3.89
N ILE A 169 -36.48 19.98 -4.44
CA ILE A 169 -36.02 19.43 -5.70
C ILE A 169 -36.88 20.01 -6.81
N LYS A 170 -36.28 20.83 -7.66
CA LYS A 170 -37.03 21.55 -8.68
C LYS A 170 -37.30 20.67 -9.89
N SER A 171 -36.42 19.70 -10.13
CA SER A 171 -36.60 18.71 -11.19
C SER A 171 -37.35 17.49 -10.69
N THR A 172 -37.79 16.64 -11.61
CA THR A 172 -38.64 15.51 -11.27
C THR A 172 -37.90 14.49 -10.40
N THR A 173 -36.57 14.51 -10.46
CA THR A 173 -35.73 13.61 -9.67
C THR A 173 -34.32 14.17 -9.52
N LEU A 174 -33.70 13.91 -8.37
CA LEU A 174 -32.32 14.32 -8.14
C LEU A 174 -31.43 13.11 -7.95
N ARG A 175 -30.42 13.01 -8.81
CA ARG A 175 -29.41 11.95 -8.73
C ARG A 175 -28.04 12.52 -8.51
N VAL A 176 -27.32 11.99 -7.54
CA VAL A 176 -25.94 12.41 -7.31
C VAL A 176 -24.94 11.24 -7.40
N ASP A 177 -23.77 11.55 -7.95
CA ASP A 177 -22.67 10.61 -8.07
C ASP A 177 -21.75 10.76 -6.84
N GLN A 178 -21.77 9.74 -5.98
CA GLN A 178 -20.99 9.82 -4.73
C GLN A 178 -19.75 8.91 -4.73
N SER A 179 -19.21 8.65 -5.93
CA SER A 179 -17.99 7.83 -6.09
C SER A 179 -16.80 8.28 -5.26
N ILE A 180 -16.56 9.60 -5.19
CA ILE A 180 -15.42 10.09 -4.41
C ILE A 180 -15.41 9.51 -3.02
N LEU A 181 -16.61 9.24 -2.50
CA LEU A 181 -16.76 8.66 -1.18
C LEU A 181 -16.48 7.17 -1.24
N THR A 182 -17.27 6.44 -2.01
CA THR A 182 -17.23 4.98 -2.08
C THR A 182 -16.32 4.45 -3.21
N GLY A 183 -16.66 4.82 -4.46
CA GLY A 183 -16.10 4.24 -5.68
C GLY A 183 -17.21 3.56 -6.47
N GLU A 184 -18.38 3.44 -5.81
CA GLU A 184 -19.54 2.67 -6.32
C GLU A 184 -20.35 3.41 -7.40
N SER A 185 -19.75 3.57 -8.58
CA SER A 185 -20.28 4.48 -9.60
C SER A 185 -21.82 4.73 -9.63
N VAL A 186 -22.64 3.68 -9.47
CA VAL A 186 -24.09 3.85 -9.68
C VAL A 186 -24.67 4.93 -8.78
N SER A 187 -25.17 5.98 -9.40
CA SER A 187 -25.59 7.19 -8.72
C SER A 187 -26.83 6.95 -7.87
N VAL A 188 -27.01 7.81 -6.85
CA VAL A 188 -28.08 7.64 -5.86
C VAL A 188 -29.18 8.69 -5.93
N ILE A 189 -30.36 8.32 -5.46
CA ILE A 189 -31.52 9.21 -5.49
C ILE A 189 -31.61 9.96 -4.17
N LYS A 190 -31.95 11.25 -4.23
CA LYS A 190 -32.16 12.06 -3.05
C LYS A 190 -33.63 12.43 -2.84
N HIS A 191 -33.92 12.86 -1.62
CA HIS A 191 -35.24 13.25 -1.19
C HIS A 191 -35.12 14.35 -0.14
N THR A 192 -36.25 14.71 0.44
CA THR A 192 -36.38 15.94 1.20
C THR A 192 -36.74 15.72 2.66
N GLU A 193 -37.58 14.69 2.91
CA GLU A 193 -37.94 14.14 4.24
C GLU A 193 -36.75 14.02 5.18
N PRO A 194 -36.97 14.23 6.49
CA PRO A 194 -35.87 14.13 7.42
C PRO A 194 -35.49 12.65 7.67
N VAL A 195 -34.23 12.41 7.99
CA VAL A 195 -33.74 11.09 8.27
C VAL A 195 -33.56 11.08 9.77
N PRO A 196 -34.50 10.47 10.49
CA PRO A 196 -34.61 10.91 11.89
C PRO A 196 -33.54 10.34 12.86
N ASP A 197 -32.75 9.37 12.41
CA ASP A 197 -31.72 8.79 13.26
C ASP A 197 -30.51 9.68 13.33
N PRO A 198 -30.28 10.28 14.53
CA PRO A 198 -29.17 11.18 14.79
C PRO A 198 -27.88 10.60 14.26
N ARG A 199 -27.73 9.27 14.33
CA ARG A 199 -26.48 8.65 13.92
C ARG A 199 -26.47 7.91 12.55
N ALA A 200 -27.33 8.35 11.63
CA ALA A 200 -27.33 7.83 10.26
C ALA A 200 -25.96 7.91 9.59
N VAL A 201 -25.50 6.82 8.99
CA VAL A 201 -24.32 6.90 8.11
C VAL A 201 -24.61 7.67 6.81
N ASN A 202 -23.57 8.26 6.18
CA ASN A 202 -23.73 8.97 4.87
C ASN A 202 -24.55 8.23 3.82
N GLN A 203 -24.26 6.97 3.59
CA GLN A 203 -25.07 6.12 2.69
C GLN A 203 -26.57 6.35 2.84
N ASP A 204 -27.03 6.57 4.08
CA ASP A 204 -28.45 6.59 4.41
C ASP A 204 -29.01 7.97 4.58
N LYS A 205 -28.17 8.99 4.36
CA LYS A 205 -28.59 10.37 4.49
C LYS A 205 -29.16 10.82 3.15
N LYS A 206 -30.38 10.32 2.89
CA LYS A 206 -31.11 10.51 1.63
C LYS A 206 -31.45 11.95 1.31
N ASN A 207 -31.15 12.87 2.23
CA ASN A 207 -31.59 14.25 2.07
C ASN A 207 -30.43 15.23 2.07
N MET A 208 -29.21 14.70 1.98
CA MET A 208 -28.02 15.54 2.11
C MET A 208 -27.19 15.46 0.85
N LEU A 209 -26.43 16.54 0.56
CA LEU A 209 -25.46 16.54 -0.53
C LEU A 209 -24.07 16.80 0.04
N PHE A 210 -23.14 15.93 -0.27
CA PHE A 210 -21.84 16.05 0.31
C PHE A 210 -20.92 16.85 -0.59
N SER A 211 -20.31 17.85 0.00
CA SER A 211 -19.26 18.59 -0.64
C SER A 211 -18.35 17.64 -1.45
N GLY A 212 -18.06 17.98 -2.71
CA GLY A 212 -17.00 17.29 -3.46
C GLY A 212 -17.55 16.22 -4.36
N THR A 213 -18.78 15.86 -4.05
CA THR A 213 -19.63 14.96 -4.81
C THR A 213 -20.21 15.76 -5.99
N ASN A 214 -20.72 15.11 -7.02
CA ASN A 214 -21.32 15.85 -8.14
C ASN A 214 -22.68 15.32 -8.57
N ILE A 215 -23.52 16.20 -9.09
CA ILE A 215 -24.89 15.84 -9.50
C ILE A 215 -24.96 15.16 -10.86
N ALA A 216 -25.62 14.00 -10.89
CA ALA A 216 -25.77 13.24 -12.13
C ALA A 216 -27.00 13.70 -12.88
N ALA A 217 -28.10 13.97 -12.17
CA ALA A 217 -29.36 14.38 -12.82
C ALA A 217 -30.20 15.31 -11.95
N GLY A 218 -30.68 16.40 -12.55
CA GLY A 218 -31.68 17.25 -11.92
C GLY A 218 -31.19 18.58 -11.37
N LYS A 219 -32.07 19.23 -10.62
CA LYS A 219 -31.82 20.53 -10.04
C LYS A 219 -32.44 20.52 -8.64
N ALA A 220 -31.72 21.06 -7.67
CA ALA A 220 -32.25 21.19 -6.32
C ALA A 220 -31.72 22.43 -5.59
N LEU A 221 -32.55 22.94 -4.68
CA LEU A 221 -32.16 24.03 -3.81
C LEU A 221 -32.07 23.49 -2.38
N GLY A 222 -31.00 23.83 -1.69
CA GLY A 222 -30.81 23.37 -0.32
C GLY A 222 -30.21 24.45 0.56
N ILE A 223 -29.99 24.11 1.82
CA ILE A 223 -29.38 25.05 2.75
C ILE A 223 -28.06 24.47 3.26
N VAL A 224 -26.97 25.22 3.05
CA VAL A 224 -25.67 24.77 3.50
C VAL A 224 -25.66 24.50 5.00
N ALA A 225 -25.20 23.32 5.42
CA ALA A 225 -25.19 22.93 6.83
C ALA A 225 -23.77 22.99 7.37
N THR A 226 -22.80 22.47 6.64
CA THR A 226 -21.40 22.58 7.08
C THR A 226 -20.46 22.89 5.92
N THR A 227 -19.31 23.44 6.26
CA THR A 227 -18.31 23.89 5.29
C THR A 227 -16.93 23.64 5.88
N GLY A 228 -15.89 23.93 5.11
CA GLY A 228 -14.55 23.73 5.59
C GLY A 228 -14.37 22.33 6.15
N VAL A 229 -13.63 22.21 7.24
CA VAL A 229 -13.23 20.89 7.77
C VAL A 229 -14.40 20.13 8.39
N SER A 230 -15.57 20.76 8.44
CA SER A 230 -16.70 20.20 9.15
C SER A 230 -17.65 19.40 8.27
N THR A 231 -17.43 19.45 6.97
CA THR A 231 -18.10 18.56 6.04
C THR A 231 -17.50 17.18 6.19
N GLU A 232 -18.23 16.19 5.67
CA GLU A 232 -17.78 14.81 5.58
C GLU A 232 -16.35 14.66 5.07
N ILE A 233 -16.06 15.34 3.97
CA ILE A 233 -14.77 15.30 3.29
C ILE A 233 -13.67 15.94 4.14
N GLY A 234 -14.03 17.02 4.84
CA GLY A 234 -13.08 17.72 5.70
C GLY A 234 -12.80 16.96 6.97
N LYS A 235 -13.78 16.21 7.44
CA LYS A 235 -13.54 15.31 8.56
C LYS A 235 -12.56 14.25 8.16
N ILE A 236 -12.70 13.71 6.94
CA ILE A 236 -11.72 12.75 6.44
C ILE A 236 -10.32 13.38 6.30
N ARG A 237 -10.28 14.62 5.85
CA ARG A 237 -9.03 15.37 5.80
C ARG A 237 -8.34 15.38 7.15
N ASP A 238 -9.09 15.70 8.19
CA ASP A 238 -8.51 15.87 9.53
C ASP A 238 -7.91 14.59 10.10
N GLN A 239 -8.68 13.48 10.04
CA GLN A 239 -8.18 12.18 10.43
C GLN A 239 -6.89 11.88 9.75
N MET A 240 -6.77 12.24 8.48
CA MET A 240 -5.54 11.99 7.74
C MET A 240 -4.42 12.90 8.21
N ALA A 241 -4.74 14.16 8.52
CA ALA A 241 -3.78 15.10 9.08
C ALA A 241 -3.29 14.66 10.46
N ALA A 242 -4.19 14.09 11.25
CA ALA A 242 -3.90 13.63 12.60
C ALA A 242 -3.11 12.30 12.68
N THR A 243 -2.91 11.61 11.56
CA THR A 243 -2.12 10.38 11.60
C THR A 243 -0.72 10.65 11.08
N GLU A 244 0.28 10.31 11.87
CA GLU A 244 1.65 10.50 11.41
C GLU A 244 2.31 9.16 11.06
N GLN A 245 3.12 9.15 10.00
CA GLN A 245 3.76 7.93 9.54
C GLN A 245 5.03 7.62 10.34
N ASP A 246 5.17 6.39 10.80
CA ASP A 246 6.44 5.95 11.36
C ASP A 246 7.42 5.69 10.22
N LYS A 247 8.72 5.68 10.53
CA LYS A 247 9.73 5.38 9.53
C LYS A 247 9.85 3.86 9.36
N THR A 248 10.14 3.42 8.15
CA THR A 248 10.27 1.98 7.89
C THR A 248 11.34 1.41 8.80
N PRO A 249 11.16 0.16 9.26
CA PRO A 249 12.08 -0.39 10.25
C PRO A 249 13.57 -0.32 9.84
N LEU A 250 13.84 -0.39 8.53
CA LEU A 250 15.20 -0.19 8.04
C LEU A 250 15.65 1.26 8.20
N GLN A 251 14.93 2.21 7.59
CA GLN A 251 15.25 3.64 7.74
C GLN A 251 15.59 3.99 9.17
N GLN A 252 14.93 3.29 10.10
CA GLN A 252 15.11 3.49 11.54
C GLN A 252 16.47 2.98 12.01
N LYS A 253 16.82 1.77 11.57
CA LYS A 253 18.14 1.18 11.86
C LYS A 253 19.26 2.07 11.35
N LEU A 254 19.13 2.57 10.13
CA LEU A 254 20.13 3.43 9.51
C LEU A 254 20.35 4.73 10.27
N ASP A 255 19.32 5.21 10.97
CA ASP A 255 19.45 6.37 11.84
C ASP A 255 20.10 5.97 13.16
N GLU A 256 19.72 4.80 13.67
CA GLU A 256 20.28 4.23 14.88
C GLU A 256 21.76 3.90 14.67
N PHE A 257 22.08 3.36 13.48
CA PHE A 257 23.47 3.11 13.11
C PHE A 257 24.19 4.44 12.94
N GLY A 258 23.47 5.42 12.40
CA GLY A 258 23.98 6.78 12.27
C GLY A 258 24.50 7.32 13.58
N GLU A 259 23.64 7.31 14.61
CA GLU A 259 23.98 7.83 15.94
C GLU A 259 25.13 7.07 16.58
N GLN A 260 25.07 5.73 16.49
CA GLN A 260 26.07 4.86 17.09
C GLN A 260 27.42 4.92 16.39
N LEU A 261 27.43 5.30 15.12
CA LEU A 261 28.67 5.53 14.39
C LEU A 261 29.35 6.81 14.87
N SER A 262 28.59 7.92 14.89
CA SER A 262 29.04 9.21 15.40
C SER A 262 29.66 9.10 16.80
N LYS A 263 29.08 8.22 17.62
CA LYS A 263 29.61 7.93 18.96
C LYS A 263 30.97 7.25 18.88
N VAL A 264 31.11 6.24 18.03
CA VAL A 264 32.38 5.50 17.89
C VAL A 264 33.47 6.38 17.28
N ILE A 265 33.12 7.17 16.27
CA ILE A 265 34.05 8.10 15.65
C ILE A 265 34.69 9.02 16.69
N SER A 266 33.88 9.81 17.38
CA SER A 266 34.40 10.73 18.39
C SER A 266 34.69 10.05 19.74
N LEU A 267 34.81 8.73 19.72
CA LEU A 267 35.31 7.96 20.87
C LEU A 267 36.70 7.43 20.56
N ILE A 268 37.08 7.51 19.28
CA ILE A 268 38.44 7.19 18.84
C ILE A 268 39.31 8.44 18.90
N CYS A 269 38.72 9.59 18.61
CA CYS A 269 39.41 10.88 18.65
C CYS A 269 40.02 11.20 20.01
N VAL A 270 39.33 10.79 21.08
CA VAL A 270 39.85 10.94 22.44
C VAL A 270 40.91 9.87 22.71
N ALA A 271 40.70 8.66 22.20
CA ALA A 271 41.64 7.55 22.36
C ALA A 271 42.97 7.83 21.65
N VAL A 272 42.89 8.34 20.42
CA VAL A 272 44.06 8.78 19.67
C VAL A 272 44.84 9.82 20.47
N TRP A 273 44.13 10.83 20.97
CA TRP A 273 44.68 11.86 21.84
C TRP A 273 45.27 11.26 23.13
N LEU A 274 44.58 10.28 23.70
CA LEU A 274 45.02 9.61 24.94
C LEU A 274 46.20 8.68 24.73
N ILE A 275 46.33 8.13 23.52
CA ILE A 275 47.49 7.32 23.16
C ILE A 275 48.66 8.24 22.78
N ASN A 276 48.34 9.39 22.19
CA ASN A 276 49.35 10.40 21.87
C ASN A 276 49.65 11.37 23.02
N ILE A 277 50.13 10.81 24.13
CA ILE A 277 50.76 11.60 25.19
C ILE A 277 52.28 11.59 24.94
N GLY A 278 52.65 11.35 23.69
CA GLY A 278 54.03 11.44 23.22
C GLY A 278 54.38 12.86 22.84
N HIS A 279 53.66 13.41 21.86
CA HIS A 279 53.86 14.81 21.41
C HIS A 279 53.83 15.84 22.54
N PHE A 280 53.13 15.49 23.63
CA PHE A 280 52.93 16.37 24.78
C PHE A 280 54.15 16.38 25.72
N ASN A 281 55.15 15.57 25.39
CA ASN A 281 56.30 15.36 26.27
C ASN A 281 57.61 15.11 25.52
N ASP A 282 57.51 14.57 24.30
CA ASP A 282 58.68 14.17 23.49
C ASP A 282 59.36 15.33 22.73
N PRO A 283 58.67 15.90 21.69
CA PRO A 283 59.28 16.95 20.87
C PRO A 283 59.52 18.24 21.68
N VAL A 284 60.74 18.38 22.19
CA VAL A 284 61.13 19.50 23.04
C VAL A 284 60.72 20.88 22.49
N HIS A 285 61.05 21.12 21.21
CA HIS A 285 60.65 22.35 20.50
C HIS A 285 60.90 22.25 18.99
N GLY A 286 60.58 23.32 18.27
CA GLY A 286 60.78 23.38 16.83
C GLY A 286 59.61 23.99 16.08
N GLY A 287 58.52 24.27 16.79
CA GLY A 287 57.30 24.81 16.18
C GLY A 287 56.34 23.73 15.69
N SER A 288 56.46 22.53 16.28
CA SER A 288 55.66 21.36 15.89
C SER A 288 54.31 21.30 16.60
N TRP A 289 53.99 22.34 17.38
CA TRP A 289 52.73 22.45 18.11
C TRP A 289 51.55 22.64 17.14
N ILE A 290 51.78 23.42 16.08
CA ILE A 290 50.79 23.60 15.01
C ILE A 290 51.18 22.78 13.77
N ARG A 291 52.41 22.28 13.75
CA ARG A 291 52.91 21.42 12.65
C ARG A 291 52.61 19.94 12.95
N GLY A 292 52.39 19.63 14.24
CA GLY A 292 52.06 18.28 14.68
C GLY A 292 50.58 18.09 14.97
N ALA A 293 49.86 19.20 15.12
CA ALA A 293 48.39 19.17 15.25
C ALA A 293 47.71 18.99 13.89
N ILE A 294 48.49 19.14 12.82
CA ILE A 294 48.05 18.87 11.45
C ILE A 294 47.94 17.35 11.23
N TYR A 295 48.68 16.58 12.03
CA TYR A 295 48.67 15.12 11.96
C TYR A 295 47.35 14.51 12.48
N TYR A 296 46.78 15.12 13.52
CA TYR A 296 45.49 14.67 14.08
C TYR A 296 44.33 15.04 13.15
N PHE A 297 44.47 16.15 12.44
CA PHE A 297 43.51 16.60 11.42
C PHE A 297 43.60 15.73 10.16
N LYS A 298 44.74 15.09 9.97
CA LYS A 298 44.95 14.19 8.83
C LYS A 298 44.27 12.85 9.08
N ILE A 299 44.43 12.32 10.29
CA ILE A 299 43.79 11.06 10.68
C ILE A 299 42.28 11.24 10.95
N ALA A 300 41.87 12.48 11.22
CA ALA A 300 40.46 12.81 11.40
C ALA A 300 39.65 12.48 10.14
N VAL A 301 40.01 13.13 9.03
CA VAL A 301 39.37 12.87 7.74
C VAL A 301 39.56 11.41 7.31
N ALA A 302 40.63 10.79 7.80
CA ALA A 302 40.91 9.39 7.52
C ALA A 302 40.00 8.48 8.35
N LEU A 303 39.68 8.91 9.57
CA LEU A 303 38.82 8.15 10.46
C LEU A 303 37.38 8.20 9.97
N ALA A 304 36.95 9.39 9.57
CA ALA A 304 35.60 9.62 9.09
C ALA A 304 35.31 8.72 7.90
N VAL A 305 36.05 8.92 6.81
CA VAL A 305 35.81 8.19 5.56
C VAL A 305 35.98 6.67 5.72
N ALA A 306 36.78 6.27 6.71
CA ALA A 306 36.98 4.87 6.99
C ALA A 306 35.71 4.25 7.55
N ALA A 307 34.95 5.03 8.29
CA ALA A 307 33.75 4.54 8.95
C ALA A 307 32.49 4.72 8.10
N ILE A 308 32.29 5.95 7.61
CA ILE A 308 31.13 6.29 6.79
C ILE A 308 31.05 5.38 5.57
N PRO A 309 29.98 4.57 5.48
CA PRO A 309 29.87 3.68 4.34
C PRO A 309 29.18 4.40 3.22
N GLU A 310 29.80 5.47 2.73
CA GLU A 310 29.29 6.24 1.59
C GLU A 310 28.83 5.34 0.44
N GLY A 311 28.00 5.88 -0.43
CA GLY A 311 27.52 5.12 -1.59
C GLY A 311 26.48 4.04 -1.30
N LEU A 312 26.41 3.60 -0.04
CA LEU A 312 25.31 2.73 0.41
C LEU A 312 23.94 3.34 0.11
N PRO A 313 23.76 4.65 0.40
CA PRO A 313 22.62 5.35 -0.19
C PRO A 313 22.34 4.95 -1.64
N ALA A 314 23.33 5.10 -2.51
CA ALA A 314 23.16 4.81 -3.94
C ALA A 314 22.84 3.34 -4.18
N VAL A 315 23.51 2.46 -3.45
CA VAL A 315 23.31 1.01 -3.60
C VAL A 315 21.89 0.61 -3.21
N ILE A 316 21.46 0.97 -1.99
CA ILE A 316 20.11 0.64 -1.53
C ILE A 316 19.07 1.27 -2.45
N THR A 317 19.26 2.53 -2.83
CA THR A 317 18.32 3.21 -3.73
C THR A 317 18.19 2.48 -5.05
N THR A 318 19.33 2.14 -5.67
CA THR A 318 19.31 1.39 -6.92
C THR A 318 18.59 0.07 -6.74
N CYS A 319 18.96 -0.67 -5.68
CA CYS A 319 18.37 -1.96 -5.38
C CYS A 319 16.83 -1.90 -5.31
N LEU A 320 16.33 -0.87 -4.63
CA LEU A 320 14.90 -0.66 -4.47
C LEU A 320 14.24 -0.23 -5.78
N ALA A 321 14.92 0.63 -6.52
CA ALA A 321 14.42 1.07 -7.83
C ALA A 321 14.25 -0.11 -8.77
N LEU A 322 15.18 -1.06 -8.74
CA LEU A 322 15.05 -2.29 -9.54
C LEU A 322 14.03 -3.25 -8.93
N GLY A 323 13.69 -3.01 -7.66
CA GLY A 323 12.61 -3.74 -7.02
C GLY A 323 11.27 -3.28 -7.55
N THR A 324 11.09 -1.96 -7.65
CA THR A 324 9.82 -1.38 -8.13
C THR A 324 9.52 -1.83 -9.55
N ARG A 325 10.53 -1.75 -10.43
CA ARG A 325 10.32 -2.21 -11.80
C ARG A 325 9.82 -3.66 -11.78
N ARG A 326 10.51 -4.54 -11.04
CA ARG A 326 10.16 -5.96 -11.02
C ARG A 326 8.74 -6.22 -10.52
N MET A 327 8.36 -5.51 -9.47
CA MET A 327 7.04 -5.67 -8.86
C MET A 327 5.92 -5.22 -9.80
N ALA A 328 6.20 -4.20 -10.62
CA ALA A 328 5.25 -3.70 -11.60
C ALA A 328 4.87 -4.76 -12.64
N LYS A 329 5.86 -5.49 -13.16
CA LYS A 329 5.64 -6.61 -14.08
C LYS A 329 4.63 -7.61 -13.50
N LYS A 330 4.66 -7.74 -12.18
CA LYS A 330 3.76 -8.62 -11.43
C LYS A 330 2.51 -7.90 -10.92
N ASN A 331 2.21 -6.74 -11.49
CA ASN A 331 0.99 -5.92 -11.22
C ASN A 331 0.90 -5.20 -9.88
N ALA A 332 2.03 -5.08 -9.19
CA ALA A 332 2.10 -4.30 -7.96
C ALA A 332 2.84 -3.02 -8.22
N ILE A 333 2.11 -1.91 -8.22
CA ILE A 333 2.70 -0.59 -8.40
C ILE A 333 3.00 -0.02 -7.02
N VAL A 334 4.28 0.10 -6.67
CA VAL A 334 4.68 0.60 -5.37
C VAL A 334 5.06 2.07 -5.46
N ARG A 335 4.18 2.94 -4.95
CA ARG A 335 4.34 4.42 -5.08
C ARG A 335 5.63 4.95 -4.46
N SER A 336 6.04 4.35 -3.35
CA SER A 336 7.14 4.89 -2.55
C SER A 336 8.25 3.87 -2.36
N LEU A 337 9.47 4.28 -2.61
CA LEU A 337 10.60 3.36 -2.61
C LEU A 337 10.82 2.62 -1.28
N PRO A 338 10.79 3.34 -0.13
CA PRO A 338 11.14 2.64 1.11
C PRO A 338 10.12 1.55 1.44
N SER A 339 8.93 1.63 0.85
CA SER A 339 7.87 0.67 1.10
C SER A 339 8.24 -0.78 0.84
N VAL A 340 9.10 -1.03 -0.15
CA VAL A 340 9.34 -2.41 -0.58
C VAL A 340 9.91 -3.22 0.57
N GLU A 341 10.33 -2.53 1.61
CA GLU A 341 10.81 -3.16 2.82
C GLU A 341 9.65 -3.53 3.76
N THR A 342 8.90 -2.54 4.20
CA THR A 342 7.74 -2.77 5.07
C THR A 342 6.82 -3.82 4.47
N LEU A 343 6.70 -3.79 3.14
CA LEU A 343 5.97 -4.81 2.37
C LEU A 343 6.44 -6.22 2.73
N GLY A 344 7.76 -6.41 2.81
CA GLY A 344 8.32 -7.70 3.17
C GLY A 344 7.94 -8.18 4.56
N CYS A 345 7.61 -7.26 5.46
CA CYS A 345 7.31 -7.58 6.86
C CYS A 345 5.84 -7.89 7.17
N THR A 346 4.95 -7.58 6.24
CA THR A 346 3.50 -7.73 6.39
C THR A 346 3.08 -8.98 7.16
N SER A 347 2.44 -8.81 8.32
CA SER A 347 1.94 -9.96 9.04
C SER A 347 0.41 -10.15 8.98
N VAL A 348 -0.31 -9.22 8.35
CA VAL A 348 -1.79 -9.29 8.26
C VAL A 348 -2.27 -8.61 6.96
N ILE A 349 -3.14 -9.29 6.20
CA ILE A 349 -3.78 -8.64 5.05
C ILE A 349 -5.27 -8.55 5.28
N CYS A 350 -5.81 -7.34 5.34
CA CYS A 350 -7.27 -7.21 5.36
C CYS A 350 -7.70 -6.82 3.96
N SER A 351 -8.48 -7.70 3.32
CA SER A 351 -8.85 -7.47 1.94
C SER A 351 -10.34 -7.46 1.75
N ASP A 352 -10.83 -6.48 1.00
CA ASP A 352 -12.24 -6.43 0.59
C ASP A 352 -12.48 -7.64 -0.27
N LYS A 353 -13.66 -8.26 -0.15
CA LYS A 353 -14.02 -9.42 -0.98
C LYS A 353 -14.26 -9.06 -2.47
N THR A 354 -15.31 -8.28 -2.72
CA THR A 354 -15.74 -8.00 -4.08
C THR A 354 -14.60 -7.46 -4.94
N GLY A 355 -14.45 -8.05 -6.12
CA GLY A 355 -13.43 -7.67 -7.08
C GLY A 355 -11.99 -7.77 -6.61
N THR A 356 -11.73 -8.46 -5.50
CA THR A 356 -10.35 -8.64 -5.04
C THR A 356 -10.08 -10.06 -4.63
N LEU A 357 -10.94 -10.59 -3.77
CA LEU A 357 -10.94 -12.01 -3.45
C LEU A 357 -11.83 -12.76 -4.43
N THR A 358 -12.84 -12.07 -4.94
CA THR A 358 -13.72 -12.59 -5.97
C THR A 358 -13.60 -11.76 -7.25
N THR A 359 -14.32 -12.16 -8.30
CA THR A 359 -14.15 -11.59 -9.65
C THR A 359 -15.13 -10.45 -9.91
N ASN A 360 -16.06 -10.26 -8.99
CA ASN A 360 -17.19 -9.35 -9.19
C ASN A 360 -17.97 -9.60 -10.48
N GLN A 361 -18.11 -10.87 -10.85
CA GLN A 361 -18.97 -11.25 -11.98
C GLN A 361 -20.13 -12.15 -11.51
N MET A 362 -21.17 -11.51 -11.00
CA MET A 362 -22.38 -12.16 -10.56
C MET A 362 -22.99 -13.03 -11.65
N SER A 363 -23.43 -14.23 -11.31
CA SER A 363 -24.37 -15.03 -12.15
C SER A 363 -25.38 -15.86 -11.32
N VAL A 364 -26.65 -15.87 -11.73
CA VAL A 364 -27.65 -16.68 -11.04
C VAL A 364 -27.48 -18.20 -11.33
N CYS A 365 -27.30 -19.00 -10.26
CA CYS A 365 -27.09 -20.47 -10.36
C CYS A 365 -28.31 -21.26 -9.98
N LYS A 366 -29.06 -20.74 -9.04
CA LYS A 366 -30.12 -21.51 -8.44
C LYS A 366 -31.31 -20.59 -8.22
N MET A 367 -32.50 -21.17 -8.29
CA MET A 367 -33.70 -20.39 -8.14
C MET A 367 -34.80 -21.35 -7.84
N PHE A 368 -35.76 -20.93 -7.05
CA PHE A 368 -36.87 -21.80 -6.75
C PHE A 368 -38.17 -21.02 -6.66
N ILE A 369 -39.28 -21.76 -6.70
CA ILE A 369 -40.62 -21.21 -6.55
C ILE A 369 -41.47 -22.27 -5.84
N ILE A 370 -42.68 -21.94 -5.42
CA ILE A 370 -43.44 -22.88 -4.63
C ILE A 370 -44.04 -23.98 -5.51
N ASP A 371 -43.92 -25.22 -5.09
CA ASP A 371 -44.55 -26.30 -5.82
C ASP A 371 -45.95 -26.59 -5.28
N LYS A 372 -46.01 -27.04 -4.05
CA LYS A 372 -47.33 -27.20 -3.45
C LYS A 372 -47.36 -27.02 -1.95
N VAL A 373 -48.52 -26.55 -1.49
CA VAL A 373 -48.75 -26.13 -0.12
C VAL A 373 -49.99 -26.85 0.29
N ASP A 374 -49.82 -27.95 1.00
CA ASP A 374 -50.94 -28.68 1.50
C ASP A 374 -50.89 -28.73 3.00
N GLY A 375 -51.82 -28.01 3.61
CA GLY A 375 -51.88 -27.84 5.05
C GLY A 375 -50.57 -27.33 5.57
N ASP A 376 -49.89 -28.17 6.34
CA ASP A 376 -48.68 -27.77 7.01
C ASP A 376 -47.43 -28.32 6.33
N PHE A 377 -47.59 -28.82 5.11
CA PHE A 377 -46.41 -29.27 4.34
C PHE A 377 -46.29 -28.51 3.02
N CYS A 378 -45.08 -28.11 2.68
CA CYS A 378 -44.90 -27.42 1.41
C CYS A 378 -43.60 -27.81 0.72
N SER A 379 -43.70 -28.06 -0.59
CA SER A 379 -42.58 -28.43 -1.41
C SER A 379 -42.28 -27.29 -2.34
N LEU A 380 -41.05 -27.25 -2.86
CA LEU A 380 -40.62 -26.22 -3.80
C LEU A 380 -40.20 -26.82 -5.13
N ASN A 381 -40.20 -25.99 -6.17
CA ASN A 381 -39.60 -26.33 -7.45
C ASN A 381 -38.26 -25.62 -7.59
N GLU A 382 -37.18 -26.40 -7.66
CA GLU A 382 -35.81 -25.86 -7.69
C GLU A 382 -35.10 -26.14 -9.00
N PHE A 383 -34.24 -25.21 -9.39
CA PHE A 383 -33.62 -25.20 -10.70
C PHE A 383 -32.21 -24.70 -10.60
N SER A 384 -31.31 -25.28 -11.38
CA SER A 384 -29.99 -24.73 -11.58
C SER A 384 -30.00 -24.00 -12.87
N ILE A 385 -29.01 -23.11 -13.04
CA ILE A 385 -28.79 -22.38 -14.26
C ILE A 385 -27.30 -22.48 -14.62
N THR A 386 -26.99 -22.77 -15.88
CA THR A 386 -25.60 -23.04 -16.27
C THR A 386 -24.91 -21.87 -16.99
N GLY A 387 -23.59 -21.80 -16.84
CA GLY A 387 -22.83 -20.73 -17.46
C GLY A 387 -22.78 -19.49 -16.59
N SER A 388 -21.56 -19.03 -16.32
CA SER A 388 -21.29 -18.06 -15.28
C SER A 388 -21.05 -16.65 -15.83
N THR A 389 -21.11 -16.53 -17.14
CA THR A 389 -20.73 -15.30 -17.82
C THR A 389 -21.98 -14.41 -17.94
N TYR A 390 -21.92 -13.29 -18.65
CA TYR A 390 -23.13 -12.49 -18.87
C TYR A 390 -23.85 -12.87 -20.18
N ALA A 391 -23.19 -13.70 -20.98
CA ALA A 391 -23.81 -14.25 -22.17
C ALA A 391 -25.15 -14.90 -21.87
N PRO A 392 -26.16 -14.64 -22.69
CA PRO A 392 -27.41 -15.38 -22.56
C PRO A 392 -27.17 -16.81 -23.08
N GLU A 393 -26.14 -17.45 -22.54
CA GLU A 393 -25.69 -18.74 -23.03
C GLU A 393 -25.56 -19.79 -21.92
N GLY A 394 -26.52 -20.71 -21.90
CA GLY A 394 -26.63 -21.71 -20.86
C GLY A 394 -28.07 -22.15 -20.68
N GLU A 395 -28.29 -23.05 -19.75
CA GLU A 395 -29.65 -23.55 -19.52
C GLU A 395 -30.15 -23.62 -18.07
N VAL A 396 -31.44 -23.37 -17.93
CA VAL A 396 -32.18 -23.73 -16.73
C VAL A 396 -32.27 -25.24 -16.78
N LEU A 397 -32.08 -25.90 -15.66
CA LEU A 397 -32.34 -27.33 -15.62
C LEU A 397 -33.02 -27.78 -14.33
N LYS A 398 -33.71 -28.92 -14.40
CA LYS A 398 -34.35 -29.51 -13.25
C LYS A 398 -33.93 -30.94 -13.16
N ASN A 399 -33.59 -31.40 -11.96
CA ASN A 399 -33.05 -32.74 -11.78
C ASN A 399 -31.89 -32.98 -12.76
N ASP A 400 -31.00 -32.00 -12.89
CA ASP A 400 -29.80 -32.05 -13.78
C ASP A 400 -30.12 -32.13 -15.25
N LYS A 401 -31.38 -31.96 -15.60
CA LYS A 401 -31.80 -32.11 -16.98
C LYS A 401 -32.51 -30.86 -17.46
N PRO A 402 -32.11 -30.38 -18.65
CA PRO A 402 -32.67 -29.17 -19.26
C PRO A 402 -34.19 -29.19 -19.26
N ILE A 403 -34.81 -28.09 -18.83
CA ILE A 403 -36.27 -27.97 -18.89
C ILE A 403 -36.63 -26.66 -19.54
N ARG A 404 -37.92 -26.44 -19.74
CA ARG A 404 -38.40 -25.28 -20.43
C ARG A 404 -39.16 -24.39 -19.42
N SER A 405 -38.57 -23.26 -19.06
CA SER A 405 -39.12 -22.43 -17.98
C SER A 405 -40.57 -21.96 -18.13
N GLY A 406 -41.00 -21.65 -19.36
CA GLY A 406 -42.38 -21.18 -19.59
C GLY A 406 -43.46 -22.19 -19.23
N GLN A 407 -43.03 -23.43 -19.00
CA GLN A 407 -43.96 -24.50 -18.64
C GLN A 407 -44.30 -24.44 -17.19
N PHE A 408 -43.55 -23.61 -16.47
CA PHE A 408 -43.80 -23.34 -15.06
C PHE A 408 -44.34 -21.91 -14.90
N ASP A 409 -45.66 -21.81 -14.70
CA ASP A 409 -46.31 -20.51 -14.45
C ASP A 409 -45.49 -19.58 -13.53
N GLY A 410 -44.99 -20.11 -12.42
CA GLY A 410 -44.28 -19.32 -11.43
C GLY A 410 -42.95 -18.83 -11.93
N LEU A 411 -42.27 -19.65 -12.74
CA LEU A 411 -41.02 -19.20 -13.39
C LEU A 411 -41.30 -18.02 -14.33
N VAL A 412 -42.43 -18.04 -14.99
CA VAL A 412 -42.84 -16.92 -15.82
C VAL A 412 -42.79 -15.64 -14.97
N GLU A 413 -43.48 -15.62 -13.84
CA GLU A 413 -43.53 -14.43 -12.99
C GLU A 413 -42.17 -14.14 -12.36
N LEU A 414 -41.44 -15.21 -12.03
CA LEU A 414 -40.11 -15.04 -11.52
C LEU A 414 -39.33 -14.15 -12.50
N ALA A 415 -39.53 -14.40 -13.79
CA ALA A 415 -38.74 -13.76 -14.84
C ALA A 415 -39.26 -12.36 -15.08
N THR A 416 -40.59 -12.24 -15.09
CA THR A 416 -41.24 -10.97 -15.13
C THR A 416 -40.64 -9.99 -14.10
N ILE A 417 -40.66 -10.37 -12.83
CA ILE A 417 -40.10 -9.55 -11.77
C ILE A 417 -38.64 -9.21 -12.07
N CYS A 418 -37.83 -10.21 -12.38
CA CYS A 418 -36.40 -9.97 -12.56
C CYS A 418 -36.11 -9.04 -13.71
N ALA A 419 -36.99 -9.00 -14.70
CA ALA A 419 -36.81 -8.12 -15.84
C ALA A 419 -37.40 -6.72 -15.57
N LEU A 420 -38.52 -6.66 -14.86
CA LEU A 420 -39.16 -5.37 -14.61
C LEU A 420 -38.55 -4.63 -13.42
N CYS A 421 -38.30 -5.37 -12.35
CA CYS A 421 -37.76 -4.77 -11.17
C CYS A 421 -36.23 -4.70 -11.32
N ASN A 422 -35.81 -3.91 -12.32
CA ASN A 422 -34.41 -3.92 -12.78
C ASN A 422 -33.96 -2.64 -13.51
N ASP A 423 -32.90 -2.01 -13.01
CA ASP A 423 -32.37 -0.79 -13.66
C ASP A 423 -31.18 -1.03 -14.59
N SER A 424 -30.77 -2.28 -14.74
CA SER A 424 -29.64 -2.59 -15.61
C SER A 424 -30.07 -3.11 -16.97
N SER A 425 -29.09 -3.55 -17.76
CA SER A 425 -29.33 -4.27 -19.01
C SER A 425 -27.99 -4.83 -19.47
N LEU A 426 -27.96 -5.32 -20.70
CA LEU A 426 -26.84 -6.10 -21.19
C LEU A 426 -26.49 -5.61 -22.59
N ASP A 427 -25.20 -5.59 -22.92
CA ASP A 427 -24.74 -5.05 -24.20
C ASP A 427 -23.65 -5.91 -24.81
N PHE A 428 -23.83 -6.29 -26.07
CA PHE A 428 -22.79 -7.05 -26.72
C PHE A 428 -21.74 -6.12 -27.31
N ASN A 429 -20.59 -6.11 -26.67
CA ASN A 429 -19.39 -5.45 -27.16
C ASN A 429 -18.95 -6.08 -28.48
N GLU A 430 -19.13 -5.34 -29.59
CA GLU A 430 -18.75 -5.85 -30.90
C GLU A 430 -17.23 -6.10 -30.99
N THR A 431 -16.46 -5.23 -30.33
CA THR A 431 -15.00 -5.20 -30.47
C THR A 431 -14.29 -6.41 -29.83
N LYS A 432 -14.58 -6.64 -28.54
CA LYS A 432 -13.96 -7.74 -27.78
C LYS A 432 -14.54 -9.12 -28.10
N GLY A 433 -15.82 -9.17 -28.45
CA GLY A 433 -16.50 -10.44 -28.72
C GLY A 433 -17.06 -11.13 -27.48
N VAL A 434 -17.45 -10.35 -26.48
CA VAL A 434 -18.19 -10.88 -25.33
C VAL A 434 -19.16 -9.82 -24.80
N TYR A 435 -20.24 -10.27 -24.17
CA TYR A 435 -21.29 -9.39 -23.68
C TYR A 435 -20.78 -8.48 -22.56
N GLU A 436 -21.64 -7.57 -22.10
CA GLU A 436 -21.24 -6.55 -21.13
C GLU A 436 -22.39 -6.10 -20.24
N LYS A 437 -22.11 -6.01 -18.94
CA LYS A 437 -23.06 -5.44 -17.99
C LYS A 437 -23.25 -3.95 -18.27
N VAL A 438 -24.49 -3.48 -18.18
CA VAL A 438 -24.78 -2.05 -18.24
C VAL A 438 -25.41 -1.65 -16.90
N GLY A 439 -24.57 -1.44 -15.90
CA GLY A 439 -25.07 -1.09 -14.58
C GLY A 439 -24.51 -1.98 -13.49
N GLU A 440 -25.27 -2.10 -12.40
CA GLU A 440 -24.91 -2.90 -11.24
C GLU A 440 -24.81 -4.39 -11.60
N ALA A 441 -23.75 -5.08 -11.17
CA ALA A 441 -23.53 -6.51 -11.50
C ALA A 441 -24.62 -7.49 -11.02
N THR A 442 -25.09 -7.34 -9.79
CA THR A 442 -26.20 -8.13 -9.26
C THR A 442 -27.39 -8.00 -10.18
N GLU A 443 -27.64 -6.78 -10.64
CA GLU A 443 -28.82 -6.51 -11.46
C GLU A 443 -28.69 -7.11 -12.84
N THR A 444 -27.46 -7.23 -13.31
CA THR A 444 -27.26 -7.70 -14.66
C THR A 444 -27.37 -9.21 -14.67
N ALA A 445 -26.92 -9.82 -13.57
CA ALA A 445 -27.03 -11.26 -13.36
C ALA A 445 -28.46 -11.73 -13.66
N LEU A 446 -29.43 -10.91 -13.23
CA LEU A 446 -30.83 -11.14 -13.45
C LEU A 446 -31.20 -10.98 -14.92
N THR A 447 -30.66 -9.94 -15.55
CA THR A 447 -30.98 -9.71 -16.96
C THR A 447 -30.53 -10.92 -17.78
N THR A 448 -29.28 -11.33 -17.60
CA THR A 448 -28.80 -12.58 -18.14
C THR A 448 -29.74 -13.75 -17.82
N LEU A 449 -30.14 -13.90 -16.56
CA LEU A 449 -31.07 -14.97 -16.19
C LEU A 449 -32.32 -14.90 -17.07
N VAL A 450 -33.01 -13.77 -17.06
CA VAL A 450 -34.23 -13.63 -17.87
C VAL A 450 -33.94 -14.00 -19.34
N GLU A 451 -32.74 -13.67 -19.81
CA GLU A 451 -32.35 -14.02 -21.17
C GLU A 451 -32.30 -15.54 -21.36
N LYS A 452 -31.66 -16.28 -20.46
CA LYS A 452 -31.66 -17.76 -20.45
C LYS A 452 -33.04 -18.43 -20.27
N MET A 453 -33.82 -18.04 -19.27
CA MET A 453 -35.19 -18.56 -19.16
C MET A 453 -36.01 -17.90 -20.24
N ASN A 454 -36.31 -18.58 -21.31
CA ASN A 454 -37.03 -17.82 -22.31
C ASN A 454 -38.51 -18.04 -22.10
N VAL A 455 -39.05 -17.42 -21.04
CA VAL A 455 -40.38 -17.84 -20.61
C VAL A 455 -41.46 -17.80 -21.68
N PHE A 456 -41.43 -16.79 -22.54
CA PHE A 456 -42.47 -16.66 -23.55
C PHE A 456 -42.07 -17.32 -24.86
N ASN A 457 -40.91 -17.95 -24.87
CA ASN A 457 -40.45 -18.78 -25.98
C ASN A 457 -40.10 -18.04 -27.28
N THR A 458 -39.71 -16.77 -27.13
CA THR A 458 -39.25 -15.94 -28.23
C THR A 458 -38.15 -16.61 -29.04
N GLU A 459 -38.29 -16.63 -30.37
CA GLU A 459 -37.27 -17.14 -31.29
C GLU A 459 -35.98 -16.36 -31.17
N VAL A 460 -34.88 -17.05 -30.86
CA VAL A 460 -33.60 -16.38 -30.58
C VAL A 460 -32.43 -16.82 -31.48
N ARG A 461 -32.50 -18.04 -31.99
CA ARG A 461 -31.41 -18.59 -32.80
C ARG A 461 -31.24 -17.89 -34.16
N ASN A 462 -32.30 -17.22 -34.62
CA ASN A 462 -32.24 -16.43 -35.85
C ASN A 462 -31.88 -14.96 -35.60
N LEU A 463 -31.49 -14.63 -34.36
CA LEU A 463 -31.29 -13.24 -33.98
C LEU A 463 -29.83 -12.80 -33.97
N SER A 464 -29.62 -11.49 -34.19
CA SER A 464 -28.30 -10.87 -34.08
C SER A 464 -27.80 -10.87 -32.64
N LYS A 465 -26.53 -11.20 -32.48
CA LYS A 465 -25.87 -11.28 -31.16
C LYS A 465 -25.89 -9.91 -30.45
N VAL A 466 -26.57 -8.95 -31.07
CA VAL A 466 -26.71 -7.60 -30.55
C VAL A 466 -28.15 -7.45 -30.03
N GLU A 467 -29.11 -7.92 -30.81
CA GLU A 467 -30.51 -7.98 -30.39
C GLU A 467 -30.62 -9.02 -29.30
N ARG A 468 -30.02 -10.19 -29.53
CA ARG A 468 -30.04 -11.31 -28.59
C ARG A 468 -29.86 -10.86 -27.15
N ALA A 469 -28.99 -9.87 -26.95
CA ALA A 469 -28.59 -9.38 -25.62
C ALA A 469 -29.75 -9.06 -24.68
N ASN A 470 -30.78 -8.37 -25.17
CA ASN A 470 -31.90 -7.95 -24.35
C ASN A 470 -33.24 -8.40 -24.91
N ALA A 471 -33.18 -9.38 -25.80
CA ALA A 471 -34.35 -9.95 -26.49
C ALA A 471 -35.55 -10.24 -25.58
N CYS A 472 -35.35 -11.13 -24.61
CA CYS A 472 -36.46 -11.65 -23.81
C CYS A 472 -36.92 -10.67 -22.76
N ASN A 473 -35.96 -9.91 -22.22
CA ASN A 473 -36.32 -8.80 -21.35
C ASN A 473 -37.28 -7.87 -22.09
N SER A 474 -36.92 -7.51 -23.34
CA SER A 474 -37.75 -6.65 -24.17
C SER A 474 -39.15 -7.18 -24.29
N VAL A 475 -39.27 -8.48 -24.56
CA VAL A 475 -40.58 -9.11 -24.68
C VAL A 475 -41.38 -8.91 -23.39
N ILE A 476 -40.72 -8.90 -22.24
CA ILE A 476 -41.43 -8.73 -20.98
C ILE A 476 -41.80 -7.29 -20.75
N ARG A 477 -40.95 -6.36 -21.19
CA ARG A 477 -41.31 -4.94 -21.20
C ARG A 477 -42.46 -4.64 -22.18
N GLN A 478 -42.53 -5.36 -23.30
CA GLN A 478 -43.69 -5.21 -24.19
C GLN A 478 -44.99 -5.45 -23.41
N LEU A 479 -44.88 -6.21 -22.32
CA LEU A 479 -46.06 -6.77 -21.62
C LEU A 479 -46.57 -5.96 -20.44
N MET A 480 -45.68 -5.22 -19.80
CA MET A 480 -46.03 -4.48 -18.60
C MET A 480 -45.30 -3.16 -18.63
N LYS A 481 -46.06 -2.05 -18.57
CA LYS A 481 -45.49 -0.71 -18.61
C LYS A 481 -45.00 -0.30 -17.23
N LYS A 482 -43.69 -0.10 -17.10
CA LYS A 482 -43.12 0.36 -15.84
C LYS A 482 -43.37 1.86 -15.68
N GLU A 483 -44.31 2.21 -14.78
CA GLU A 483 -44.67 3.61 -14.49
C GLU A 483 -43.54 4.32 -13.74
N PHE A 484 -43.47 4.08 -12.43
CA PHE A 484 -42.38 4.59 -11.59
C PHE A 484 -41.62 3.45 -10.94
N THR A 485 -40.67 3.77 -10.07
CA THR A 485 -39.88 2.76 -9.38
C THR A 485 -39.44 3.30 -8.02
N LEU A 486 -39.58 2.48 -6.98
CA LEU A 486 -39.22 2.86 -5.61
C LEU A 486 -37.82 2.33 -5.23
N GLU A 487 -36.81 3.20 -5.33
CA GLU A 487 -35.41 2.84 -5.20
C GLU A 487 -35.10 1.93 -4.02
N PHE A 488 -34.02 1.17 -4.12
CA PHE A 488 -33.47 0.53 -2.95
C PHE A 488 -33.22 1.50 -1.79
N SER A 489 -33.25 0.91 -0.60
CA SER A 489 -32.86 1.59 0.61
C SER A 489 -32.48 0.52 1.59
N ARG A 490 -31.46 0.79 2.38
CA ARG A 490 -30.99 -0.15 3.39
C ARG A 490 -31.94 -0.33 4.57
N ASP A 491 -32.87 0.60 4.69
CA ASP A 491 -33.75 0.61 5.81
C ASP A 491 -34.79 -0.52 5.66
N ARG A 492 -35.21 -0.81 4.43
CA ARG A 492 -36.18 -1.87 4.18
C ARG A 492 -35.61 -3.01 3.34
N LYS A 493 -34.40 -2.80 2.83
CA LYS A 493 -33.65 -3.79 2.04
C LYS A 493 -34.40 -4.39 0.85
N SER A 494 -35.14 -3.55 0.15
CA SER A 494 -35.83 -4.01 -1.03
C SER A 494 -36.06 -2.88 -2.00
N MET A 495 -36.58 -3.22 -3.16
CA MET A 495 -36.91 -2.25 -4.15
C MET A 495 -38.09 -2.77 -4.92
N SER A 496 -39.03 -1.89 -5.23
CA SER A 496 -40.19 -2.26 -6.00
C SER A 496 -40.31 -1.38 -7.24
N VAL A 497 -41.35 -1.66 -8.02
CA VAL A 497 -41.54 -1.09 -9.34
C VAL A 497 -43.05 -1.15 -9.62
N TYR A 498 -43.65 -0.02 -9.99
CA TYR A 498 -45.09 0.04 -10.20
C TYR A 498 -45.35 -0.06 -11.68
N CYS A 499 -46.13 -1.07 -12.05
CA CYS A 499 -46.29 -1.46 -13.44
C CYS A 499 -47.75 -1.58 -13.81
N SER A 500 -48.01 -1.23 -15.07
CA SER A 500 -49.34 -1.26 -15.58
C SER A 500 -49.34 -2.17 -16.80
N PRO A 501 -50.50 -2.77 -17.15
CA PRO A 501 -50.48 -3.63 -18.33
C PRO A 501 -50.54 -2.84 -19.64
N ALA A 502 -49.51 -2.96 -20.48
CA ALA A 502 -49.58 -2.52 -21.86
C ALA A 502 -50.76 -3.29 -22.45
N LYS A 503 -51.71 -2.53 -23.01
CA LYS A 503 -53.07 -3.04 -23.24
C LYS A 503 -53.19 -4.20 -24.23
N SER A 504 -52.29 -5.18 -24.09
CA SER A 504 -52.33 -6.43 -24.83
C SER A 504 -53.48 -7.31 -24.36
N SER A 505 -53.88 -7.10 -23.09
CA SER A 505 -54.99 -7.84 -22.43
C SER A 505 -54.67 -9.30 -22.10
N ARG A 506 -53.51 -9.50 -21.47
CA ARG A 506 -53.20 -10.76 -20.80
C ARG A 506 -52.87 -10.44 -19.35
N ALA A 507 -53.62 -11.07 -18.43
CA ALA A 507 -53.68 -10.68 -17.01
C ALA A 507 -54.04 -9.18 -16.86
N ALA A 508 -55.03 -8.75 -17.64
CA ALA A 508 -55.49 -7.35 -17.67
C ALA A 508 -56.31 -6.97 -16.43
N VAL A 509 -55.93 -7.54 -15.29
CA VAL A 509 -56.58 -7.27 -14.02
C VAL A 509 -55.68 -6.33 -13.22
N GLY A 510 -55.76 -5.05 -13.57
CA GLY A 510 -55.17 -3.95 -12.78
C GLY A 510 -53.66 -3.86 -12.63
N ASN A 511 -53.24 -2.77 -12.00
CA ASN A 511 -51.83 -2.46 -11.81
C ASN A 511 -51.14 -3.40 -10.84
N LYS A 512 -49.81 -3.43 -10.91
CA LYS A 512 -49.00 -4.41 -10.18
C LYS A 512 -47.67 -3.81 -9.78
N MET A 513 -47.33 -3.93 -8.50
CA MET A 513 -45.99 -3.59 -8.05
C MET A 513 -45.17 -4.88 -8.03
N PHE A 514 -43.87 -4.78 -8.30
CA PHE A 514 -42.96 -5.93 -8.38
C PHE A 514 -41.77 -5.70 -7.49
N VAL A 515 -41.69 -6.49 -6.42
CA VAL A 515 -40.79 -6.27 -5.32
C VAL A 515 -39.66 -7.28 -5.37
N LYS A 516 -38.42 -6.83 -5.21
CA LYS A 516 -37.29 -7.71 -5.09
C LYS A 516 -36.33 -7.15 -4.02
N GLY A 517 -35.82 -8.01 -3.14
CA GLY A 517 -35.00 -7.55 -2.04
C GLY A 517 -34.36 -8.69 -1.28
N ALA A 518 -33.69 -8.35 -0.17
CA ALA A 518 -33.13 -9.33 0.75
C ALA A 518 -34.24 -10.21 1.28
N PRO A 519 -34.01 -11.53 1.38
CA PRO A 519 -35.11 -12.45 1.66
C PRO A 519 -35.89 -12.18 2.96
N GLU A 520 -35.21 -11.87 4.06
CA GLU A 520 -35.89 -11.70 5.35
C GLU A 520 -37.05 -10.70 5.32
N GLY A 521 -36.73 -9.47 4.93
CA GLY A 521 -37.66 -8.37 4.99
C GLY A 521 -38.80 -8.56 4.00
N VAL A 522 -38.45 -8.99 2.80
CA VAL A 522 -39.44 -9.15 1.75
C VAL A 522 -40.44 -10.19 2.21
N ILE A 523 -39.94 -11.33 2.69
CA ILE A 523 -40.82 -12.45 3.10
C ILE A 523 -41.72 -12.03 4.27
N ASP A 524 -41.15 -11.30 5.24
CA ASP A 524 -41.92 -10.76 6.37
C ASP A 524 -43.09 -9.92 5.91
N ARG A 525 -42.97 -9.22 4.79
CA ARG A 525 -44.10 -8.48 4.23
C ARG A 525 -44.84 -9.27 3.16
N CYS A 526 -44.85 -10.60 3.24
CA CYS A 526 -45.68 -11.42 2.33
C CYS A 526 -46.82 -12.06 3.07
N ASN A 527 -48.04 -11.64 2.78
CA ASN A 527 -49.21 -12.27 3.38
C ASN A 527 -49.59 -13.51 2.57
N TYR A 528 -49.02 -13.63 1.38
CA TYR A 528 -49.44 -14.63 0.41
C TYR A 528 -48.29 -15.36 -0.22
N VAL A 529 -48.60 -16.55 -0.74
CA VAL A 529 -47.63 -17.33 -1.49
C VAL A 529 -48.22 -17.63 -2.86
N ARG A 530 -47.45 -17.40 -3.91
CA ARG A 530 -47.91 -17.83 -5.23
C ARG A 530 -47.62 -19.30 -5.45
N VAL A 531 -48.63 -20.03 -5.91
CA VAL A 531 -48.46 -21.44 -6.24
C VAL A 531 -48.99 -21.61 -7.65
N GLY A 532 -48.07 -21.68 -8.62
CA GLY A 532 -48.43 -21.64 -10.03
C GLY A 532 -49.05 -20.29 -10.35
N THR A 533 -50.38 -20.26 -10.38
CA THR A 533 -51.13 -19.09 -10.77
C THR A 533 -52.09 -18.70 -9.62
N THR A 534 -52.40 -19.70 -8.81
CA THR A 534 -53.17 -19.53 -7.60
C THR A 534 -52.34 -18.80 -6.55
N ARG A 535 -53.05 -18.28 -5.55
CA ARG A 535 -52.46 -17.54 -4.46
C ARG A 535 -53.05 -18.10 -3.16
N VAL A 536 -52.19 -18.41 -2.19
CA VAL A 536 -52.65 -18.95 -0.91
C VAL A 536 -52.00 -18.19 0.26
N PRO A 537 -52.69 -18.13 1.40
CA PRO A 537 -52.10 -17.40 2.53
C PRO A 537 -50.72 -17.89 2.95
N MET A 538 -49.86 -16.96 3.37
CA MET A 538 -48.59 -17.32 4.00
C MET A 538 -48.85 -18.07 5.30
N THR A 539 -47.98 -19.01 5.65
CA THR A 539 -48.13 -19.76 6.89
C THR A 539 -46.74 -20.04 7.42
N GLY A 540 -46.67 -20.44 8.68
CA GLY A 540 -45.41 -20.78 9.32
C GLY A 540 -44.68 -21.86 8.53
N PRO A 541 -45.34 -23.03 8.32
CA PRO A 541 -44.65 -24.12 7.64
C PRO A 541 -44.04 -23.66 6.32
N VAL A 542 -44.83 -22.97 5.51
CA VAL A 542 -44.34 -22.40 4.26
C VAL A 542 -43.11 -21.51 4.48
N LYS A 543 -43.30 -20.43 5.24
CA LYS A 543 -42.20 -19.52 5.54
C LYS A 543 -40.96 -20.27 6.05
N GLU A 544 -41.16 -21.31 6.87
CA GLU A 544 -40.03 -22.13 7.34
C GLU A 544 -39.31 -22.79 6.17
N LYS A 545 -40.05 -23.44 5.27
CA LYS A 545 -39.46 -24.08 4.07
C LYS A 545 -38.60 -23.15 3.18
N ILE A 546 -39.22 -22.06 2.72
CA ILE A 546 -38.53 -21.00 2.02
C ILE A 546 -37.22 -20.59 2.73
N LEU A 547 -37.33 -20.07 3.96
CA LEU A 547 -36.16 -19.59 4.70
C LEU A 547 -35.11 -20.70 4.87
N SER A 548 -35.61 -21.92 5.07
CA SER A 548 -34.76 -23.06 5.26
C SER A 548 -33.83 -23.29 4.09
N VAL A 549 -34.38 -23.29 2.87
CA VAL A 549 -33.57 -23.38 1.66
C VAL A 549 -32.72 -22.12 1.40
N ILE A 550 -33.25 -20.92 1.67
CA ILE A 550 -32.42 -19.70 1.54
C ILE A 550 -31.16 -19.85 2.38
N LYS A 551 -31.31 -20.33 3.61
CA LYS A 551 -30.20 -20.54 4.52
C LYS A 551 -29.19 -21.52 3.95
N GLU A 552 -29.71 -22.59 3.33
CA GLU A 552 -28.85 -23.63 2.74
C GLU A 552 -27.95 -23.07 1.64
N TRP A 553 -28.54 -22.34 0.71
CA TRP A 553 -27.84 -21.72 -0.43
C TRP A 553 -26.81 -20.70 -0.04
N GLY A 554 -27.15 -19.84 0.92
CA GLY A 554 -26.25 -18.77 1.39
C GLY A 554 -25.11 -19.24 2.29
N THR A 555 -25.36 -20.24 3.12
CA THR A 555 -24.31 -20.73 4.03
C THR A 555 -23.65 -22.04 3.57
N GLY A 556 -24.23 -22.68 2.56
CA GLY A 556 -23.71 -23.94 2.07
C GLY A 556 -22.42 -23.79 1.29
N ARG A 557 -21.98 -24.89 0.69
CA ARG A 557 -20.75 -24.92 -0.07
C ARG A 557 -20.75 -23.96 -1.26
N ASP A 558 -21.92 -23.61 -1.75
CA ASP A 558 -21.94 -22.84 -2.97
C ASP A 558 -22.47 -21.43 -2.78
N THR A 559 -22.50 -20.99 -1.52
CA THR A 559 -22.30 -19.58 -1.18
C THR A 559 -23.09 -18.56 -2.02
N LEU A 560 -24.40 -18.59 -1.97
CA LEU A 560 -25.14 -17.79 -2.90
C LEU A 560 -25.85 -16.67 -2.19
N ARG A 561 -25.65 -15.45 -2.68
CA ARG A 561 -26.42 -14.34 -2.19
C ARG A 561 -27.82 -14.49 -2.77
N CYS A 562 -28.87 -14.36 -1.95
CA CYS A 562 -30.25 -14.67 -2.38
C CYS A 562 -31.15 -13.48 -2.39
N LEU A 563 -31.96 -13.39 -3.43
CA LEU A 563 -32.96 -12.35 -3.53
C LEU A 563 -34.31 -13.00 -3.45
N ALA A 564 -35.20 -12.47 -2.64
CA ALA A 564 -36.58 -12.90 -2.65
C ALA A 564 -37.24 -12.01 -3.65
N LEU A 565 -38.24 -12.53 -4.34
CA LEU A 565 -39.02 -11.73 -5.26
C LEU A 565 -40.45 -12.04 -4.96
N ALA A 566 -41.27 -11.01 -5.05
CA ALA A 566 -42.66 -11.10 -4.71
C ALA A 566 -43.30 -9.99 -5.51
N THR A 567 -44.64 -10.03 -5.57
CA THR A 567 -45.42 -8.97 -6.18
C THR A 567 -46.58 -8.55 -5.27
N ARG A 568 -46.97 -7.28 -5.34
CA ARG A 568 -48.15 -6.83 -4.64
C ARG A 568 -49.27 -6.95 -5.61
N ASP A 569 -50.16 -7.91 -5.39
CA ASP A 569 -51.20 -8.23 -6.35
C ASP A 569 -52.17 -7.09 -6.57
N THR A 570 -52.62 -6.47 -5.49
CA THR A 570 -53.49 -5.30 -5.57
C THR A 570 -52.86 -4.10 -4.87
N PRO A 571 -52.00 -3.37 -5.60
CA PRO A 571 -51.24 -2.24 -5.07
C PRO A 571 -52.12 -1.04 -4.78
N PRO A 572 -51.67 -0.16 -3.86
CA PRO A 572 -52.50 1.00 -3.53
C PRO A 572 -52.74 1.86 -4.76
N LYS A 573 -53.80 2.68 -4.69
CA LYS A 573 -54.18 3.60 -5.76
C LYS A 573 -53.00 4.43 -6.24
N ARG A 574 -52.95 4.66 -7.55
CA ARG A 574 -51.87 5.44 -8.17
C ARG A 574 -51.74 6.80 -7.49
N GLU A 575 -52.88 7.49 -7.39
CA GLU A 575 -52.99 8.82 -6.78
C GLU A 575 -52.71 8.85 -5.27
N GLU A 576 -53.04 7.74 -4.60
CA GLU A 576 -52.95 7.66 -3.14
C GLU A 576 -51.49 7.53 -2.68
N MET A 577 -50.62 7.11 -3.58
CA MET A 577 -49.18 7.06 -3.26
C MET A 577 -48.56 8.41 -3.55
N VAL A 578 -47.67 8.85 -2.66
CA VAL A 578 -46.78 9.95 -3.01
C VAL A 578 -45.36 9.43 -3.04
N LEU A 579 -44.73 9.59 -4.19
CA LEU A 579 -43.44 8.99 -4.49
C LEU A 579 -42.25 9.71 -3.85
N ASP A 580 -42.53 10.76 -3.09
CA ASP A 580 -41.48 11.61 -2.52
C ASP A 580 -41.13 11.18 -1.11
N ASP A 581 -41.99 10.35 -0.53
CA ASP A 581 -41.86 9.91 0.84
C ASP A 581 -41.21 8.53 0.88
N SER A 582 -39.91 8.49 1.09
CA SER A 582 -39.15 7.23 1.00
C SER A 582 -39.36 6.27 2.17
N SER A 583 -39.66 6.82 3.36
CA SER A 583 -40.02 6.03 4.54
C SER A 583 -41.41 5.44 4.33
N ARG A 584 -42.14 6.03 3.40
CA ARG A 584 -43.43 5.52 2.99
C ARG A 584 -43.31 4.33 1.99
N PHE A 585 -42.11 4.08 1.47
CA PHE A 585 -41.93 3.03 0.45
C PHE A 585 -42.22 1.63 0.99
N MET A 586 -41.79 1.32 2.22
CA MET A 586 -42.03 0.02 2.82
C MET A 586 -43.52 -0.34 2.91
N GLU A 587 -44.37 0.56 3.41
CA GLU A 587 -45.80 0.25 3.51
C GLU A 587 -46.48 0.06 2.14
N TYR A 588 -45.95 0.68 1.09
CA TYR A 588 -46.43 0.40 -0.26
C TYR A 588 -46.09 -1.03 -0.66
N GLU A 589 -45.01 -1.58 -0.08
CA GLU A 589 -44.58 -2.94 -0.36
C GLU A 589 -45.00 -3.89 0.76
N THR A 590 -46.30 -4.09 0.81
CA THR A 590 -46.98 -4.72 1.92
C THR A 590 -48.14 -5.48 1.29
N ASP A 591 -48.56 -6.57 1.94
CA ASP A 591 -49.65 -7.42 1.42
C ASP A 591 -49.17 -8.12 0.15
N LEU A 592 -47.86 -8.39 0.12
CA LEU A 592 -47.22 -9.02 -1.02
C LEU A 592 -47.60 -10.50 -1.15
N THR A 593 -47.21 -11.09 -2.28
CA THR A 593 -47.34 -12.51 -2.50
C THR A 593 -45.94 -12.97 -2.85
N PHE A 594 -45.39 -13.88 -2.04
CA PHE A 594 -44.08 -14.42 -2.33
C PHE A 594 -44.21 -15.15 -3.66
N VAL A 595 -43.16 -15.12 -4.45
CA VAL A 595 -43.19 -15.71 -5.77
C VAL A 595 -42.03 -16.65 -5.96
N GLY A 596 -40.83 -16.19 -5.60
CA GLY A 596 -39.66 -17.03 -5.74
C GLY A 596 -38.37 -16.42 -5.23
N VAL A 597 -37.28 -17.15 -5.42
CA VAL A 597 -35.99 -16.75 -4.89
C VAL A 597 -34.93 -17.07 -5.92
N VAL A 598 -33.91 -16.21 -6.02
CA VAL A 598 -32.83 -16.45 -6.94
C VAL A 598 -31.54 -16.42 -6.12
N GLY A 599 -30.60 -17.26 -6.51
CA GLY A 599 -29.40 -17.39 -5.74
C GLY A 599 -28.29 -17.21 -6.72
N MET A 600 -27.46 -16.20 -6.47
CA MET A 600 -26.43 -15.85 -7.42
C MET A 600 -25.06 -15.90 -6.77
N LEU A 601 -24.04 -16.08 -7.62
CA LEU A 601 -22.67 -16.24 -7.16
C LEU A 601 -21.73 -15.23 -7.75
N ASP A 602 -20.82 -14.76 -6.92
CA ASP A 602 -19.75 -13.92 -7.36
C ASP A 602 -18.53 -14.73 -7.00
N PRO A 603 -17.94 -15.40 -8.01
CA PRO A 603 -16.98 -16.48 -7.74
C PRO A 603 -15.64 -16.00 -7.20
N PRO A 604 -15.13 -16.69 -6.17
CA PRO A 604 -13.75 -16.59 -5.74
C PRO A 604 -12.83 -16.71 -6.93
N ARG A 605 -12.20 -15.60 -7.28
CA ARG A 605 -11.04 -15.50 -8.15
C ARG A 605 -10.16 -16.76 -8.15
N LYS A 606 -9.98 -17.34 -9.34
CA LYS A 606 -9.23 -18.60 -9.54
C LYS A 606 -7.97 -18.84 -8.70
N GLU A 607 -7.23 -17.78 -8.37
CA GLU A 607 -6.00 -17.91 -7.60
C GLU A 607 -6.08 -17.71 -6.08
N VAL A 608 -7.21 -17.19 -5.54
CA VAL A 608 -7.23 -16.90 -4.08
C VAL A 608 -7.02 -18.11 -3.16
N MET A 609 -7.75 -19.19 -3.42
CA MET A 609 -7.68 -20.41 -2.63
C MET A 609 -6.22 -20.74 -2.33
N GLY A 610 -5.39 -20.75 -3.39
CA GLY A 610 -3.97 -21.08 -3.31
C GLY A 610 -3.13 -20.02 -2.64
N SER A 611 -3.33 -18.76 -3.05
CA SER A 611 -2.66 -17.61 -2.43
C SER A 611 -2.89 -17.50 -0.93
N ILE A 612 -4.12 -17.75 -0.50
CA ILE A 612 -4.37 -17.75 0.93
C ILE A 612 -3.54 -18.84 1.61
N GLN A 613 -3.51 -20.04 1.04
CA GLN A 613 -2.65 -21.11 1.55
C GLN A 613 -1.21 -20.62 1.62
N LEU A 614 -0.77 -19.91 0.60
CA LEU A 614 0.58 -19.38 0.60
C LEU A 614 0.83 -18.49 1.80
N CYS A 615 -0.16 -17.68 2.16
CA CYS A 615 -0.11 -16.87 3.37
C CYS A 615 -0.06 -17.72 4.65
N ARG A 616 -0.87 -18.77 4.75
CA ARG A 616 -0.80 -19.67 5.91
C ARG A 616 0.67 -20.07 6.15
N ASP A 617 1.32 -20.56 5.10
CA ASP A 617 2.70 -21.02 5.15
C ASP A 617 3.69 -19.89 5.42
N ALA A 618 3.34 -18.68 5.00
CA ALA A 618 4.19 -17.54 5.23
C ALA A 618 3.95 -16.94 6.62
N GLY A 619 2.98 -17.48 7.34
CA GLY A 619 2.66 -17.01 8.68
C GLY A 619 2.06 -15.62 8.62
N ILE A 620 1.25 -15.40 7.59
CA ILE A 620 0.58 -14.14 7.38
C ILE A 620 -0.91 -14.36 7.53
N ARG A 621 -1.51 -13.59 8.43
CA ARG A 621 -2.93 -13.62 8.66
C ARG A 621 -3.60 -12.96 7.48
N VAL A 622 -4.77 -13.46 7.09
CA VAL A 622 -5.55 -12.84 6.06
C VAL A 622 -6.93 -12.62 6.64
N ILE A 623 -7.42 -11.37 6.52
CA ILE A 623 -8.71 -10.98 7.06
C ILE A 623 -9.61 -10.51 5.93
N MET A 624 -10.80 -11.12 5.79
CA MET A 624 -11.70 -10.75 4.72
C MET A 624 -12.68 -9.73 5.23
N ILE A 625 -12.73 -8.57 4.59
CA ILE A 625 -13.78 -7.59 4.87
C ILE A 625 -14.79 -7.65 3.71
N THR A 626 -16.08 -7.79 4.04
CA THR A 626 -17.11 -8.07 3.05
C THR A 626 -18.47 -7.51 3.45
N GLY A 627 -19.33 -7.24 2.47
CA GLY A 627 -20.71 -6.82 2.72
C GLY A 627 -21.69 -7.95 2.88
N ASP A 628 -21.23 -9.18 2.72
CA ASP A 628 -22.10 -10.33 2.97
C ASP A 628 -22.67 -10.35 4.39
N ASN A 629 -23.82 -10.97 4.54
CA ASN A 629 -24.30 -11.29 5.85
C ASN A 629 -23.34 -12.34 6.46
N LYS A 630 -23.24 -12.32 7.79
CA LYS A 630 -22.25 -13.07 8.55
C LYS A 630 -22.24 -14.51 8.13
N GLY A 631 -23.43 -15.07 7.97
CA GLY A 631 -23.64 -16.45 7.54
C GLY A 631 -22.85 -16.80 6.30
N THR A 632 -23.01 -16.01 5.25
CA THR A 632 -22.26 -16.20 4.00
C THR A 632 -20.76 -15.80 4.12
N ALA A 633 -20.48 -14.75 4.88
CA ALA A 633 -19.09 -14.38 5.12
C ALA A 633 -18.33 -15.64 5.56
N ILE A 634 -18.87 -16.33 6.58
CA ILE A 634 -18.19 -17.49 7.17
C ILE A 634 -18.08 -18.60 6.13
N ALA A 635 -19.14 -18.78 5.35
CA ALA A 635 -19.16 -19.77 4.28
C ALA A 635 -18.05 -19.49 3.22
N ILE A 636 -18.12 -18.34 2.55
CA ILE A 636 -17.08 -17.91 1.61
C ILE A 636 -15.66 -18.10 2.17
N CYS A 637 -15.48 -17.80 3.45
CA CYS A 637 -14.18 -17.94 4.12
C CYS A 637 -13.72 -19.37 4.13
N ARG A 638 -14.66 -20.28 4.35
CA ARG A 638 -14.37 -21.71 4.30
C ARG A 638 -13.97 -22.10 2.88
N ARG A 639 -14.80 -21.67 1.92
CA ARG A 639 -14.64 -21.95 0.51
C ARG A 639 -13.27 -21.57 -0.02
N ILE A 640 -12.72 -20.45 0.46
CA ILE A 640 -11.43 -19.97 -0.05
C ILE A 640 -10.28 -20.31 0.86
N GLY A 641 -10.59 -20.97 1.97
CA GLY A 641 -9.59 -21.52 2.87
C GLY A 641 -9.07 -20.64 3.98
N ILE A 642 -9.79 -19.56 4.28
CA ILE A 642 -9.49 -18.76 5.48
C ILE A 642 -9.86 -19.60 6.69
N PHE A 643 -10.96 -20.33 6.60
CA PHE A 643 -11.33 -21.29 7.63
C PHE A 643 -11.29 -22.70 7.09
N GLY A 644 -10.86 -23.61 7.96
CA GLY A 644 -10.94 -25.02 7.68
C GLY A 644 -12.37 -25.39 7.34
N GLU A 645 -12.49 -26.30 6.38
CA GLU A 645 -13.77 -26.82 5.90
C GLU A 645 -14.79 -27.14 7.01
N ASN A 646 -14.31 -27.32 8.24
CA ASN A 646 -15.18 -27.76 9.34
C ASN A 646 -14.74 -27.21 10.71
N GLU A 647 -13.92 -26.16 10.72
CA GLU A 647 -13.34 -25.71 11.99
C GLU A 647 -14.22 -24.74 12.78
N GLU A 648 -13.92 -24.63 14.08
CA GLU A 648 -14.62 -23.74 14.99
C GLU A 648 -14.27 -22.29 14.68
N VAL A 649 -15.30 -21.46 14.55
CA VAL A 649 -15.11 -20.09 14.06
C VAL A 649 -15.97 -19.02 14.76
N ALA A 650 -16.59 -19.38 15.88
CA ALA A 650 -17.53 -18.50 16.60
C ALA A 650 -16.94 -17.12 16.84
N ASP A 651 -15.93 -17.08 17.72
CA ASP A 651 -15.23 -15.87 18.14
C ASP A 651 -14.26 -15.31 17.08
N ARG A 652 -14.46 -15.67 15.81
CA ARG A 652 -13.42 -15.40 14.82
C ARG A 652 -13.90 -14.51 13.66
N ALA A 653 -15.20 -14.32 13.63
CA ALA A 653 -15.84 -13.54 12.60
C ALA A 653 -16.93 -12.72 13.26
N TYR A 654 -16.94 -11.41 12.93
CA TYR A 654 -17.91 -10.49 13.51
C TYR A 654 -18.61 -9.68 12.44
N THR A 655 -19.91 -9.45 12.65
CA THR A 655 -20.60 -8.39 11.95
C THR A 655 -20.13 -7.06 12.48
N GLY A 656 -20.35 -6.00 11.73
CA GLY A 656 -20.01 -4.64 12.14
C GLY A 656 -20.79 -4.23 13.37
N ARG A 657 -22.02 -4.73 13.49
CA ARG A 657 -22.81 -4.41 14.67
C ARG A 657 -22.25 -5.12 15.91
N GLU A 658 -21.87 -6.38 15.76
CA GLU A 658 -21.33 -7.15 16.87
C GLU A 658 -20.06 -6.52 17.41
N PHE A 659 -19.21 -6.09 16.48
CA PHE A 659 -18.01 -5.37 16.88
C PHE A 659 -18.41 -4.19 17.75
N ASP A 660 -19.45 -3.46 17.33
CA ASP A 660 -19.80 -2.23 18.00
C ASP A 660 -20.24 -2.46 19.45
N ASP A 661 -21.08 -3.47 19.70
CA ASP A 661 -21.46 -3.89 21.06
C ASP A 661 -20.26 -4.24 21.99
N LEU A 662 -19.10 -4.52 21.42
CA LEU A 662 -17.99 -4.88 22.27
C LEU A 662 -17.35 -3.68 22.95
N PRO A 663 -17.09 -3.77 24.28
CA PRO A 663 -16.25 -2.74 24.87
C PRO A 663 -14.91 -2.64 24.14
N LEU A 664 -14.34 -1.44 24.17
CA LEU A 664 -13.03 -1.18 23.57
C LEU A 664 -12.03 -2.32 23.71
N ALA A 665 -11.78 -2.78 24.93
CA ALA A 665 -10.73 -3.79 25.18
C ALA A 665 -11.06 -5.09 24.44
N GLU A 666 -12.33 -5.43 24.45
CA GLU A 666 -12.79 -6.71 23.93
C GLU A 666 -12.69 -6.64 22.42
N GLN A 667 -12.84 -5.41 21.90
CA GLN A 667 -12.70 -5.07 20.48
C GLN A 667 -11.27 -5.27 20.07
N ARG A 668 -10.37 -4.68 20.85
CA ARG A 668 -8.96 -4.84 20.63
C ARG A 668 -8.62 -6.32 20.51
N GLU A 669 -8.98 -7.10 21.54
CA GLU A 669 -8.72 -8.54 21.59
C GLU A 669 -9.38 -9.30 20.42
N ALA A 670 -10.52 -8.83 19.94
CA ALA A 670 -11.15 -9.45 18.77
C ALA A 670 -10.26 -9.37 17.52
N CYS A 671 -9.51 -8.27 17.37
CA CYS A 671 -8.74 -8.08 16.15
C CYS A 671 -7.46 -8.94 16.05
N ARG A 672 -6.95 -9.42 17.17
CA ARG A 672 -5.74 -10.27 17.13
C ARG A 672 -6.06 -11.70 16.71
N ARG A 673 -7.35 -11.97 16.52
CA ARG A 673 -7.87 -13.30 16.31
C ARG A 673 -8.79 -13.35 15.07
N ALA A 674 -9.45 -12.23 14.76
CA ALA A 674 -10.48 -12.16 13.74
C ALA A 674 -9.92 -12.45 12.35
N CYS A 675 -10.72 -13.11 11.52
CA CYS A 675 -10.31 -13.41 10.15
C CYS A 675 -11.34 -12.97 9.14
N CYS A 676 -12.48 -12.51 9.64
CA CYS A 676 -13.58 -12.16 8.79
C CYS A 676 -14.51 -11.14 9.42
N PHE A 677 -14.68 -10.00 8.75
CA PHE A 677 -15.57 -8.95 9.22
C PHE A 677 -16.69 -8.71 8.20
N ALA A 678 -17.95 -8.75 8.63
CA ALA A 678 -19.06 -8.61 7.72
C ALA A 678 -19.85 -7.36 8.04
N ARG A 679 -20.22 -6.58 7.02
CA ARG A 679 -21.06 -5.38 7.21
C ARG A 679 -20.46 -4.39 8.20
N VAL A 680 -19.17 -4.22 8.02
CA VAL A 680 -18.39 -3.26 8.74
C VAL A 680 -18.86 -1.81 8.46
N GLU A 681 -18.66 -0.93 9.44
CA GLU A 681 -19.18 0.44 9.37
C GLU A 681 -18.10 1.46 8.92
N PRO A 682 -18.49 2.76 8.79
CA PRO A 682 -17.58 3.88 8.46
C PRO A 682 -16.24 3.88 9.21
N SER A 683 -16.30 3.76 10.53
CA SER A 683 -15.10 3.84 11.35
C SER A 683 -14.20 2.61 11.23
N HIS A 684 -14.80 1.45 11.01
CA HIS A 684 -14.20 0.17 11.38
C HIS A 684 -12.82 -0.16 10.85
N LYS A 685 -12.63 -0.13 9.53
CA LYS A 685 -11.33 -0.29 8.88
C LYS A 685 -10.24 0.41 9.68
N SER A 686 -10.48 1.68 10.00
CA SER A 686 -9.52 2.50 10.72
C SER A 686 -9.27 1.93 12.12
N LYS A 687 -10.34 1.56 12.82
CA LYS A 687 -10.20 0.91 14.10
C LYS A 687 -9.46 -0.41 13.95
N ILE A 688 -9.89 -1.27 13.02
CA ILE A 688 -9.18 -2.54 12.77
C ILE A 688 -7.66 -2.31 12.63
N VAL A 689 -7.27 -1.25 11.92
CA VAL A 689 -5.84 -1.02 11.73
C VAL A 689 -5.14 -0.62 13.04
N GLU A 690 -5.79 0.23 13.84
CA GLU A 690 -5.18 0.65 15.11
C GLU A 690 -4.95 -0.54 16.06
N TYR A 691 -6.01 -1.32 16.29
CA TYR A 691 -5.91 -2.51 17.12
C TYR A 691 -4.82 -3.50 16.64
N LEU A 692 -4.82 -3.81 15.35
CA LEU A 692 -3.77 -4.66 14.79
C LEU A 692 -2.37 -4.11 15.10
N GLN A 693 -2.21 -2.80 14.99
CA GLN A 693 -0.94 -2.16 15.28
C GLN A 693 -0.64 -2.24 16.76
N SER A 694 -1.67 -2.28 17.60
CA SER A 694 -1.48 -2.32 19.04
C SER A 694 -0.83 -3.63 19.45
N TYR A 695 -0.98 -4.65 18.62
CA TYR A 695 -0.34 -5.95 18.82
C TYR A 695 0.93 -6.07 17.98
N ASP A 696 1.47 -4.92 17.56
CA ASP A 696 2.72 -4.82 16.81
C ASP A 696 2.70 -5.57 15.48
N GLU A 697 1.57 -5.52 14.78
CA GLU A 697 1.44 -6.22 13.50
C GLU A 697 1.60 -5.28 12.30
N ILE A 698 2.48 -5.65 11.38
CA ILE A 698 2.64 -4.92 10.11
C ILE A 698 1.44 -5.21 9.17
N THR A 699 0.61 -4.18 8.97
CA THR A 699 -0.73 -4.38 8.42
C THR A 699 -0.89 -3.94 6.97
N ALA A 700 -1.48 -4.82 6.17
CA ALA A 700 -1.85 -4.49 4.81
C ALA A 700 -3.32 -4.24 4.87
N MET A 701 -3.78 -3.15 4.26
CA MET A 701 -5.21 -2.87 4.23
C MET A 701 -5.60 -2.34 2.88
N THR A 702 -6.69 -2.90 2.40
CA THR A 702 -7.18 -2.68 1.06
C THR A 702 -8.38 -1.75 1.21
N GLY A 703 -8.51 -0.80 0.29
CA GLY A 703 -9.73 0.02 0.30
C GLY A 703 -9.89 0.88 -0.92
N ASP A 704 -11.04 1.52 -1.02
CA ASP A 704 -11.28 2.53 -2.04
C ASP A 704 -12.11 3.68 -1.47
N GLY A 705 -11.98 4.85 -2.10
CA GLY A 705 -12.82 6.00 -1.79
C GLY A 705 -12.17 6.90 -0.76
N VAL A 706 -12.73 8.08 -0.55
CA VAL A 706 -12.19 8.92 0.52
C VAL A 706 -12.62 8.30 1.84
N ASN A 707 -13.77 7.62 1.82
CA ASN A 707 -14.18 6.76 2.91
C ASN A 707 -13.02 5.93 3.47
N ASP A 708 -12.17 5.37 2.61
CA ASP A 708 -11.15 4.43 3.10
C ASP A 708 -9.73 5.01 3.23
N ALA A 709 -9.61 6.29 2.91
CA ALA A 709 -8.30 6.95 2.87
C ALA A 709 -7.61 6.97 4.23
N PRO A 710 -8.33 7.34 5.31
CA PRO A 710 -7.68 7.33 6.62
C PRO A 710 -7.17 5.95 7.02
N ALA A 711 -7.94 4.90 6.72
CA ALA A 711 -7.44 3.54 6.92
C ALA A 711 -6.19 3.24 6.11
N LEU A 712 -6.20 3.61 4.82
CA LEU A 712 -5.01 3.31 3.98
C LEU A 712 -3.83 4.14 4.42
N LYS A 713 -4.10 5.34 4.93
CA LYS A 713 -2.98 6.13 5.40
C LYS A 713 -2.37 5.40 6.58
N LYS A 714 -3.24 5.10 7.54
CA LYS A 714 -2.92 4.45 8.80
C LYS A 714 -2.14 3.14 8.67
N ALA A 715 -2.57 2.26 7.76
CA ALA A 715 -1.95 0.96 7.60
C ALA A 715 -0.56 1.07 7.04
N GLU A 716 0.36 0.26 7.56
CA GLU A 716 1.71 0.20 7.02
C GLU A 716 1.67 0.06 5.50
N ILE A 717 0.71 -0.73 5.03
CA ILE A 717 0.52 -0.91 3.59
C ILE A 717 -0.92 -0.61 3.21
N GLY A 718 -1.15 0.60 2.76
CA GLY A 718 -2.42 0.92 2.12
C GLY A 718 -2.40 0.31 0.74
N ILE A 719 -3.54 -0.23 0.32
CA ILE A 719 -3.60 -0.89 -0.97
C ILE A 719 -4.83 -0.43 -1.70
N ALA A 720 -4.64 0.25 -2.82
CA ALA A 720 -5.74 0.71 -3.65
C ALA A 720 -5.97 -0.27 -4.79
N MET A 721 -7.16 -0.23 -5.37
CA MET A 721 -7.38 -0.96 -6.61
C MET A 721 -7.02 -0.07 -7.79
N GLY A 722 -6.52 -0.70 -8.86
CA GLY A 722 -6.14 0.00 -10.07
C GLY A 722 -7.32 0.73 -10.68
N SER A 723 -8.49 0.10 -10.52
CA SER A 723 -9.77 0.65 -10.94
C SER A 723 -10.32 1.62 -9.88
N GLY A 724 -9.51 1.99 -8.89
CA GLY A 724 -9.99 2.79 -7.77
C GLY A 724 -9.89 4.29 -7.98
N THR A 725 -10.45 5.05 -7.04
CA THR A 725 -10.44 6.52 -7.10
C THR A 725 -9.03 7.12 -7.06
N ALA A 726 -8.92 8.32 -7.59
CA ALA A 726 -7.70 9.11 -7.51
C ALA A 726 -7.16 9.18 -6.10
N VAL A 727 -8.04 9.41 -5.12
CA VAL A 727 -7.57 9.68 -3.76
C VAL A 727 -7.09 8.42 -3.02
N ALA A 728 -7.87 7.34 -3.09
CA ALA A 728 -7.48 6.06 -2.50
C ALA A 728 -6.11 5.64 -3.02
N LYS A 729 -5.91 5.93 -4.30
CA LYS A 729 -4.68 5.64 -4.99
C LYS A 729 -3.53 6.37 -4.31
N THR A 730 -3.65 7.69 -4.14
CA THR A 730 -2.55 8.46 -3.56
C THR A 730 -2.33 8.15 -2.08
N ALA A 731 -3.41 7.82 -1.37
CA ALA A 731 -3.32 7.45 0.06
C ALA A 731 -2.66 6.11 0.30
N SER A 732 -2.52 5.31 -0.76
CA SER A 732 -2.05 3.94 -0.61
C SER A 732 -0.54 3.86 -0.70
N GLU A 733 0.01 2.79 -0.15
CA GLU A 733 1.43 2.58 -0.31
C GLU A 733 1.67 1.62 -1.50
N MET A 734 0.60 1.06 -2.04
CA MET A 734 0.67 0.18 -3.23
C MET A 734 -0.64 0.11 -3.99
N VAL A 735 -0.54 0.08 -5.32
CA VAL A 735 -1.72 -0.03 -6.17
C VAL A 735 -1.75 -1.40 -6.86
N LEU A 736 -2.89 -2.08 -6.81
CA LEU A 736 -3.04 -3.37 -7.51
C LEU A 736 -3.65 -3.18 -8.89
N ALA A 737 -2.80 -3.26 -9.91
CA ALA A 737 -3.18 -2.97 -11.31
C ALA A 737 -4.28 -3.89 -11.85
N ASP A 738 -4.41 -5.09 -11.27
CA ASP A 738 -5.35 -6.06 -11.78
C ASP A 738 -6.36 -6.39 -10.70
N ASP A 739 -6.36 -5.59 -9.63
CA ASP A 739 -7.34 -5.73 -8.58
C ASP A 739 -7.28 -7.07 -7.85
N ASN A 740 -6.33 -7.92 -8.23
CA ASN A 740 -6.30 -9.27 -7.69
C ASN A 740 -5.62 -9.34 -6.33
N PHE A 741 -6.18 -10.18 -5.47
CA PHE A 741 -5.58 -10.47 -4.19
C PHE A 741 -4.15 -11.02 -4.31
N SER A 742 -3.94 -11.95 -5.23
CA SER A 742 -2.66 -12.64 -5.30
C SER A 742 -1.49 -11.70 -5.55
N THR A 743 -1.78 -10.50 -6.07
CA THR A 743 -0.76 -9.51 -6.32
C THR A 743 -0.14 -8.97 -5.03
N ILE A 744 -0.96 -8.80 -3.99
CA ILE A 744 -0.45 -8.51 -2.64
C ILE A 744 0.52 -9.61 -2.21
N VAL A 745 0.00 -10.83 -2.10
CA VAL A 745 0.80 -11.97 -1.67
C VAL A 745 2.06 -12.04 -2.50
N ALA A 746 1.96 -11.84 -3.81
CA ALA A 746 3.15 -11.90 -4.67
C ALA A 746 4.12 -10.77 -4.37
N ALA A 747 3.58 -9.60 -4.03
CA ALA A 747 4.40 -8.44 -3.68
C ALA A 747 5.09 -8.64 -2.34
N VAL A 748 4.46 -9.37 -1.43
CA VAL A 748 5.07 -9.69 -0.15
C VAL A 748 6.31 -10.57 -0.38
N GLU A 749 6.18 -11.60 -1.20
CA GLU A 749 7.32 -12.47 -1.48
C GLU A 749 8.47 -11.67 -2.05
N GLU A 750 8.15 -10.76 -2.97
CA GLU A 750 9.17 -9.92 -3.61
C GLU A 750 9.93 -9.10 -2.57
N GLY A 751 9.21 -8.52 -1.61
CA GLY A 751 9.81 -7.73 -0.54
C GLY A 751 10.70 -8.51 0.40
N ARG A 752 10.38 -9.79 0.64
CA ARG A 752 11.20 -10.63 1.49
C ARG A 752 12.44 -11.01 0.73
N ALA A 753 12.25 -11.27 -0.56
CA ALA A 753 13.36 -11.57 -1.45
C ALA A 753 14.34 -10.41 -1.48
N ILE A 754 13.82 -9.20 -1.74
CA ILE A 754 14.67 -8.01 -1.86
C ILE A 754 15.42 -7.74 -0.56
N TYR A 755 14.68 -7.64 0.54
CA TYR A 755 15.29 -7.39 1.85
C TYR A 755 16.42 -8.36 2.21
N ASN A 756 16.18 -9.66 2.00
CA ASN A 756 17.19 -10.67 2.28
C ASN A 756 18.55 -10.33 1.68
N ASN A 757 18.56 -9.88 0.42
CA ASN A 757 19.81 -9.49 -0.24
C ASN A 757 20.36 -8.19 0.35
N MET A 758 19.47 -7.24 0.66
CA MET A 758 19.87 -5.98 1.28
C MET A 758 20.62 -6.26 2.57
N LYS A 759 20.02 -7.05 3.45
CA LYS A 759 20.67 -7.55 4.66
C LYS A 759 22.10 -7.96 4.35
N GLN A 760 22.25 -8.75 3.29
CA GLN A 760 23.57 -9.23 2.89
C GLN A 760 24.46 -8.10 2.38
N PHE A 761 23.96 -7.26 1.48
CA PHE A 761 24.83 -6.21 0.92
C PHE A 761 25.04 -5.01 1.87
N ILE A 762 24.05 -4.71 2.71
CA ILE A 762 24.22 -3.72 3.77
C ILE A 762 25.33 -4.21 4.69
N ARG A 763 25.22 -5.46 5.15
CA ARG A 763 26.21 -6.04 6.07
C ARG A 763 27.63 -6.08 5.50
N TYR A 764 27.77 -6.57 4.27
CA TYR A 764 29.05 -6.61 3.55
C TYR A 764 29.69 -5.23 3.43
N LEU A 765 28.94 -4.26 2.91
CA LEU A 765 29.44 -2.91 2.71
C LEU A 765 29.94 -2.25 4.00
N ILE A 766 29.19 -2.39 5.10
CA ILE A 766 29.69 -1.90 6.40
C ILE A 766 30.85 -2.74 6.96
N SER A 767 30.79 -4.06 6.74
CA SER A 767 31.86 -4.97 7.17
C SER A 767 33.23 -4.49 6.71
N SER A 768 33.26 -3.89 5.52
CA SER A 768 34.47 -3.29 4.97
C SER A 768 34.90 -2.10 5.84
N ASN A 769 33.94 -1.25 6.19
CA ASN A 769 34.20 -0.05 6.97
C ASN A 769 34.78 -0.33 8.35
N VAL A 770 34.30 -1.40 8.99
CA VAL A 770 34.86 -1.88 10.25
C VAL A 770 36.35 -2.12 10.08
N GLY A 771 36.72 -2.83 9.02
CA GLY A 771 38.12 -3.05 8.70
C GLY A 771 38.90 -1.76 8.52
N GLU A 772 38.36 -0.85 7.72
CA GLU A 772 39.01 0.43 7.41
C GLU A 772 39.33 1.23 8.67
N VAL A 773 38.39 1.25 9.62
CA VAL A 773 38.60 1.93 10.89
C VAL A 773 39.65 1.20 11.74
N VAL A 774 39.47 -0.12 11.90
CA VAL A 774 40.42 -0.94 12.64
C VAL A 774 41.83 -0.84 12.03
N CYS A 775 41.90 -0.69 10.72
CA CYS A 775 43.17 -0.46 10.03
C CYS A 775 43.73 0.92 10.34
N ILE A 776 42.95 1.97 10.08
CA ILE A 776 43.43 3.34 10.23
C ILE A 776 43.85 3.66 11.66
N PHE A 777 43.16 3.07 12.64
CA PHE A 777 43.51 3.19 14.06
C PHE A 777 44.92 2.66 14.32
N LEU A 778 45.16 1.40 13.96
CA LEU A 778 46.47 0.78 14.09
C LEU A 778 47.56 1.60 13.41
N THR A 779 47.26 2.14 12.23
CA THR A 779 48.18 3.06 11.53
C THR A 779 47.97 4.51 11.98
N ALA A 780 48.01 4.72 13.30
CA ALA A 780 47.96 6.04 13.92
C ALA A 780 48.47 5.92 15.35
N ALA A 781 47.83 5.05 16.13
CA ALA A 781 48.20 4.81 17.52
C ALA A 781 49.46 3.96 17.63
N LEU A 782 49.27 2.64 17.71
CA LEU A 782 50.37 1.68 17.87
C LEU A 782 51.13 1.48 16.55
N GLY A 783 51.72 2.56 16.06
CA GLY A 783 52.38 2.59 14.75
C GLY A 783 51.93 3.79 13.94
N LEU A 784 52.85 4.35 13.15
CA LEU A 784 52.61 5.61 12.46
C LEU A 784 52.52 5.56 10.91
N PRO A 785 53.13 4.55 10.26
CA PRO A 785 53.24 4.51 8.79
C PRO A 785 51.91 4.52 8.02
N GLU A 786 51.42 5.71 7.67
CA GLU A 786 50.08 5.91 7.05
C GLU A 786 49.81 4.88 5.95
N ALA A 787 48.92 3.93 6.23
CA ALA A 787 48.71 2.80 5.32
C ALA A 787 47.72 3.08 4.19
N LEU A 788 46.68 3.87 4.48
CA LEU A 788 45.70 4.26 3.48
C LEU A 788 45.33 5.73 3.62
N ILE A 789 45.22 6.40 2.48
CA ILE A 789 44.81 7.80 2.42
C ILE A 789 43.34 7.87 2.03
N PRO A 790 42.62 8.95 2.45
CA PRO A 790 41.18 9.08 2.21
C PRO A 790 40.74 8.89 0.76
N VAL A 791 41.41 9.56 -0.18
CA VAL A 791 41.03 9.50 -1.61
C VAL A 791 40.85 8.07 -2.10
N GLN A 792 41.80 7.21 -1.75
CA GLN A 792 41.75 5.79 -2.09
C GLN A 792 40.50 5.13 -1.54
N LEU A 793 40.20 5.42 -0.27
CA LEU A 793 39.04 4.84 0.41
C LEU A 793 37.73 5.33 -0.19
N LEU A 794 37.71 6.59 -0.62
CA LEU A 794 36.54 7.14 -1.30
C LEU A 794 36.26 6.35 -2.57
N TRP A 795 37.32 6.03 -3.31
CA TRP A 795 37.17 5.23 -4.51
C TRP A 795 36.90 3.76 -4.19
N VAL A 796 37.42 3.29 -3.06
CA VAL A 796 37.14 1.93 -2.60
C VAL A 796 35.66 1.78 -2.20
N ASN A 797 35.16 2.73 -1.42
CA ASN A 797 33.80 2.66 -0.89
C ASN A 797 32.71 3.04 -1.89
N LEU A 798 33.11 3.44 -3.09
CA LEU A 798 32.14 3.81 -4.12
C LEU A 798 32.07 2.82 -5.26
N VAL A 799 33.21 2.22 -5.61
CA VAL A 799 33.32 1.43 -6.83
C VAL A 799 33.76 -0.01 -6.59
N THR A 800 34.89 -0.19 -5.90
CA THR A 800 35.47 -1.53 -5.70
C THR A 800 34.60 -2.42 -4.84
N ASP A 801 33.93 -1.80 -3.87
CA ASP A 801 32.94 -2.49 -3.04
C ASP A 801 31.54 -2.25 -3.59
N GLY A 802 31.36 -1.12 -4.27
CA GLY A 802 30.06 -0.70 -4.80
C GLY A 802 29.47 -1.59 -5.87
N LEU A 803 30.33 -2.16 -6.70
CA LEU A 803 29.88 -3.11 -7.72
C LEU A 803 29.40 -4.46 -7.14
N PRO A 804 30.25 -5.15 -6.34
CA PRO A 804 29.81 -6.39 -5.70
C PRO A 804 28.58 -6.19 -4.80
N ALA A 805 28.48 -5.01 -4.19
CA ALA A 805 27.34 -4.65 -3.38
C ALA A 805 26.05 -4.63 -4.21
N THR A 806 26.13 -4.06 -5.41
CA THR A 806 24.97 -4.02 -6.31
C THR A 806 24.66 -5.41 -6.85
N ALA A 807 25.71 -6.20 -7.07
CA ALA A 807 25.57 -7.57 -7.55
C ALA A 807 24.88 -8.49 -6.54
N LEU A 808 25.15 -8.28 -5.25
CA LEU A 808 24.45 -9.01 -4.19
C LEU A 808 22.97 -8.65 -4.21
N GLY A 809 22.66 -7.44 -4.65
CA GLY A 809 21.28 -7.03 -4.90
C GLY A 809 20.55 -7.95 -5.86
N PHE A 810 21.32 -8.71 -6.63
CA PHE A 810 20.79 -9.65 -7.60
C PHE A 810 20.95 -11.11 -7.15
N ASN A 811 21.28 -11.30 -5.86
CA ASN A 811 21.42 -12.65 -5.30
C ASN A 811 20.20 -13.52 -5.57
N PRO A 812 20.41 -14.85 -5.72
CA PRO A 812 19.30 -15.74 -6.03
C PRO A 812 18.38 -15.94 -4.82
N PRO A 813 17.07 -15.71 -5.01
CA PRO A 813 16.11 -15.78 -3.90
C PRO A 813 16.22 -17.10 -3.14
N ASP A 814 16.29 -16.98 -1.81
CA ASP A 814 16.26 -18.13 -0.90
C ASP A 814 15.07 -19.05 -1.24
N LEU A 815 15.26 -20.35 -1.07
CA LEU A 815 14.26 -21.32 -1.53
C LEU A 815 13.02 -21.47 -0.65
N ASP A 816 13.11 -21.03 0.60
CA ASP A 816 12.01 -21.25 1.57
C ASP A 816 11.35 -19.98 2.14
N ILE A 817 11.52 -18.84 1.47
CA ILE A 817 11.05 -17.53 1.93
C ILE A 817 9.61 -17.51 2.46
N MET A 818 8.70 -18.10 1.69
CA MET A 818 7.28 -18.12 2.01
C MET A 818 6.90 -19.33 2.86
N ASP A 819 7.90 -19.98 3.44
CA ASP A 819 7.69 -21.09 4.37
C ASP A 819 8.29 -20.77 5.75
N ARG A 820 8.64 -19.50 5.95
CA ARG A 820 9.09 -18.98 7.24
C ARG A 820 8.21 -17.80 7.62
N PRO A 821 8.08 -17.50 8.92
CA PRO A 821 7.15 -16.43 9.32
C PRO A 821 7.68 -15.04 8.94
N PRO A 822 6.89 -13.98 9.18
CA PRO A 822 7.39 -12.66 8.79
C PRO A 822 8.48 -12.17 9.73
N ARG A 823 9.41 -11.39 9.19
CA ARG A 823 10.54 -10.83 9.94
C ARG A 823 10.11 -9.84 11.01
N SER A 824 10.73 -9.93 12.19
CA SER A 824 10.50 -8.95 13.25
C SER A 824 11.04 -7.59 12.81
N PRO A 825 10.23 -6.52 12.94
CA PRO A 825 10.72 -5.18 12.57
C PRO A 825 11.95 -4.75 13.38
N LYS A 826 12.04 -5.14 14.64
CA LYS A 826 13.15 -4.74 15.51
C LYS A 826 14.39 -5.65 15.46
N GLU A 827 14.28 -6.73 14.68
CA GLU A 827 15.37 -7.67 14.46
C GLU A 827 16.56 -6.95 13.86
N PRO A 828 17.68 -6.91 14.60
CA PRO A 828 18.86 -6.21 14.08
C PRO A 828 19.59 -7.04 13.04
N LEU A 829 20.27 -6.37 12.11
CA LEU A 829 20.94 -7.05 11.03
C LEU A 829 22.15 -7.79 11.58
N ILE A 830 22.80 -7.16 12.56
CA ILE A 830 24.06 -7.66 13.11
C ILE A 830 24.08 -7.58 14.64
N SER A 831 24.06 -8.73 15.28
CA SER A 831 24.34 -8.86 16.72
C SER A 831 24.78 -10.29 17.01
N GLY A 832 24.52 -10.76 18.23
CA GLY A 832 24.84 -12.13 18.64
C GLY A 832 26.15 -12.65 18.08
N TRP A 833 26.09 -13.83 17.45
CA TRP A 833 27.28 -14.44 16.86
C TRP A 833 27.81 -13.65 15.66
N LEU A 834 26.91 -12.97 14.96
CA LEU A 834 27.28 -12.23 13.75
C LEU A 834 28.14 -11.00 14.06
N PHE A 835 27.98 -10.45 15.26
CA PHE A 835 28.79 -9.30 15.72
C PHE A 835 30.24 -9.71 15.85
N PHE A 836 30.50 -10.76 16.63
CA PHE A 836 31.85 -11.32 16.83
C PHE A 836 32.45 -11.73 15.49
N ARG A 837 31.62 -12.25 14.59
CA ARG A 837 32.06 -12.64 13.26
C ARG A 837 32.62 -11.45 12.50
N TYR A 838 31.89 -10.34 12.50
CA TYR A 838 32.33 -9.13 11.82
C TYR A 838 33.37 -8.35 12.61
N MET A 839 33.36 -8.52 13.93
CA MET A 839 34.36 -7.94 14.82
C MET A 839 35.73 -8.57 14.57
N ALA A 840 35.73 -9.81 14.13
CA ALA A 840 36.95 -10.54 13.80
C ALA A 840 37.43 -10.23 12.38
N ILE A 841 36.51 -10.17 11.42
CA ILE A 841 36.87 -9.93 10.02
C ILE A 841 37.42 -8.52 9.82
N GLY A 842 36.77 -7.54 10.45
CA GLY A 842 37.28 -6.17 10.48
C GLY A 842 38.65 -6.09 11.12
N GLY A 843 38.84 -6.85 12.20
CA GLY A 843 40.11 -6.92 12.90
C GLY A 843 41.20 -7.55 12.05
N TYR A 844 40.87 -8.68 11.41
CA TYR A 844 41.82 -9.41 10.57
C TYR A 844 42.33 -8.52 9.44
N VAL A 845 41.41 -7.92 8.69
CA VAL A 845 41.76 -7.01 7.61
C VAL A 845 42.44 -5.76 8.16
N GLY A 846 42.07 -5.37 9.37
CA GLY A 846 42.72 -4.28 10.08
C GLY A 846 44.20 -4.56 10.28
N ALA A 847 44.53 -5.84 10.49
CA ALA A 847 45.92 -6.28 10.67
C ALA A 847 46.57 -6.76 9.37
N ALA A 848 45.78 -6.84 8.30
CA ALA A 848 46.28 -7.29 7.00
C ALA A 848 46.83 -6.12 6.18
N THR A 849 46.03 -5.06 6.04
CA THR A 849 46.46 -3.86 5.32
C THR A 849 47.55 -3.08 6.05
N VAL A 850 47.47 -3.09 7.38
CA VAL A 850 48.53 -2.54 8.22
C VAL A 850 49.78 -3.42 8.11
N GLY A 851 49.56 -4.74 8.14
CA GLY A 851 50.63 -5.72 8.06
C GLY A 851 51.36 -5.77 6.72
N ALA A 852 50.61 -5.54 5.64
CA ALA A 852 51.19 -5.51 4.30
C ALA A 852 51.86 -4.17 3.97
N ALA A 853 51.48 -3.12 4.70
CA ALA A 853 52.15 -1.84 4.63
C ALA A 853 53.46 -1.90 5.40
N ALA A 854 53.41 -2.55 6.56
CA ALA A 854 54.59 -2.74 7.41
C ALA A 854 55.55 -3.79 6.86
N TRP A 855 55.00 -4.79 6.17
CA TRP A 855 55.81 -5.83 5.51
C TRP A 855 56.68 -5.24 4.42
N TRP A 856 56.18 -4.18 3.76
CA TRP A 856 56.96 -3.46 2.75
C TRP A 856 58.34 -3.09 3.27
N PHE A 857 58.45 -2.95 4.58
CA PHE A 857 59.71 -2.59 5.22
C PHE A 857 60.56 -3.82 5.51
N MET A 858 60.00 -4.82 6.19
CA MET A 858 60.76 -6.00 6.62
C MET A 858 61.27 -6.93 5.52
N TYR A 859 60.52 -7.07 4.43
CA TYR A 859 60.76 -8.15 3.47
C TYR A 859 61.08 -7.68 2.05
N ALA A 860 60.27 -6.75 1.52
CA ALA A 860 60.32 -6.33 0.11
C ALA A 860 61.70 -6.39 -0.55
N GLU A 861 61.80 -7.25 -1.56
CA GLU A 861 63.06 -7.52 -2.27
C GLU A 861 63.37 -6.44 -3.30
N ASP A 862 62.59 -6.41 -4.38
CA ASP A 862 62.72 -5.36 -5.40
C ASP A 862 61.97 -4.10 -4.97
N GLY A 863 62.74 -3.05 -4.72
CA GLY A 863 62.22 -1.82 -4.12
C GLY A 863 62.54 -1.74 -2.65
N PRO A 864 62.62 -0.51 -2.09
CA PRO A 864 62.97 -0.20 -0.71
C PRO A 864 62.61 -1.29 0.31
N GLY A 865 63.60 -1.77 1.04
CA GLY A 865 63.40 -2.84 2.00
C GLY A 865 64.36 -2.82 3.17
N VAL A 866 64.02 -2.02 4.18
CA VAL A 866 64.79 -1.96 5.42
C VAL A 866 64.19 -2.84 6.52
N THR A 867 64.79 -4.02 6.71
CA THR A 867 64.33 -5.02 7.70
C THR A 867 64.38 -4.47 9.13
N TYR A 868 63.25 -4.56 9.83
CA TYR A 868 63.07 -3.94 11.16
C TYR A 868 63.53 -2.48 11.16
N HIS A 869 62.94 -1.68 10.27
CA HIS A 869 63.27 -0.26 10.15
C HIS A 869 62.78 0.53 11.36
N GLN A 870 61.73 0.02 11.99
CA GLN A 870 61.10 0.64 13.15
C GLN A 870 60.65 2.08 12.82
N LEU A 871 59.73 2.17 11.87
CA LEU A 871 59.09 3.43 11.51
C LEU A 871 58.15 3.87 12.63
N THR A 872 57.77 2.91 13.47
CA THR A 872 57.03 3.17 14.71
C THR A 872 57.81 4.10 15.65
N HIS A 873 59.15 3.96 15.61
CA HIS A 873 60.07 4.77 16.41
C HIS A 873 59.98 6.26 16.07
N PHE A 874 60.48 6.63 14.88
CA PHE A 874 60.49 8.04 14.47
C PHE A 874 59.94 8.26 13.06
N MET A 875 59.24 9.38 12.89
CA MET A 875 58.61 9.75 11.62
C MET A 875 58.94 11.19 11.24
N GLN A 876 59.30 12.00 12.23
CA GLN A 876 59.56 13.43 12.04
C GLN A 876 60.82 13.70 11.20
N CYS A 877 61.90 12.98 11.51
CA CYS A 877 63.18 13.08 10.81
C CYS A 877 63.85 14.46 10.94
N THR A 878 64.28 14.78 12.16
CA THR A 878 65.05 15.99 12.44
C THR A 878 66.41 15.58 12.98
N GLU A 879 66.57 14.30 13.31
CA GLU A 879 67.80 13.79 13.88
C GLU A 879 68.65 12.97 12.91
N ASP A 880 68.07 11.91 12.34
CA ASP A 880 68.76 10.99 11.44
C ASP A 880 70.05 10.42 12.05
N HIS A 881 69.94 9.88 13.26
CA HIS A 881 71.09 9.29 13.97
C HIS A 881 71.15 7.76 13.92
N PRO A 882 69.98 7.07 14.02
CA PRO A 882 69.95 5.63 13.76
C PRO A 882 70.40 5.29 12.34
N HIS A 883 70.19 6.22 11.41
CA HIS A 883 70.69 6.12 10.05
C HIS A 883 71.94 7.00 9.91
N PHE A 884 73.11 6.39 10.09
CA PHE A 884 74.40 7.10 10.18
C PHE A 884 74.79 8.05 9.04
N GLU A 885 74.62 7.61 7.80
CA GLU A 885 74.97 8.42 6.63
C GLU A 885 74.27 7.93 5.35
N GLY A 886 73.08 8.47 5.08
CA GLY A 886 72.30 8.07 3.91
C GLY A 886 71.02 8.87 3.68
N LEU A 887 70.89 9.39 2.46
CA LEU A 887 69.73 10.18 2.04
C LEU A 887 68.56 9.23 1.82
N ASP A 888 67.63 9.19 2.79
CA ASP A 888 66.53 8.22 2.76
C ASP A 888 65.16 8.73 3.21
N CYS A 889 65.12 9.86 3.90
CA CYS A 889 63.88 10.34 4.55
C CYS A 889 62.77 10.80 3.61
N GLU A 890 62.25 9.88 2.82
CA GLU A 890 61.07 10.12 1.96
C GLU A 890 60.31 8.82 1.71
N ILE A 891 60.95 7.68 1.98
CA ILE A 891 60.33 6.36 1.89
C ILE A 891 59.11 6.27 2.85
N PHE A 892 59.02 7.28 3.72
CA PHE A 892 57.92 7.44 4.67
C PHE A 892 56.61 7.80 3.95
N GLU A 893 56.64 8.86 3.15
CA GLU A 893 55.52 9.18 2.26
C GLU A 893 55.88 8.77 0.83
N ALA A 894 55.95 7.46 0.60
CA ALA A 894 56.24 6.89 -0.70
C ALA A 894 54.97 6.32 -1.33
N PRO A 895 54.83 6.39 -2.67
CA PRO A 895 53.64 5.85 -3.32
C PRO A 895 53.75 4.35 -3.60
N GLU A 896 54.44 3.62 -2.73
CA GLU A 896 54.63 2.17 -2.89
C GLU A 896 54.09 1.29 -1.74
N PRO A 897 54.48 1.59 -0.47
CA PRO A 897 53.92 0.75 0.61
C PRO A 897 52.40 0.90 0.81
N MET A 898 51.83 1.99 0.28
CA MET A 898 50.38 2.21 0.27
C MET A 898 49.69 1.35 -0.78
N THR A 899 50.36 1.14 -1.91
CA THR A 899 49.82 0.33 -3.00
C THR A 899 49.69 -1.13 -2.58
N MET A 900 50.42 -1.51 -1.54
CA MET A 900 50.30 -2.83 -0.91
C MET A 900 48.94 -2.98 -0.21
N ALA A 901 48.59 -2.00 0.62
CA ALA A 901 47.36 -2.03 1.41
C ALA A 901 46.10 -2.03 0.54
N LEU A 902 46.04 -1.10 -0.41
CA LEU A 902 44.92 -1.01 -1.34
C LEU A 902 44.70 -2.33 -2.08
N SER A 903 45.79 -2.95 -2.53
CA SER A 903 45.73 -4.23 -3.22
C SER A 903 45.19 -5.33 -2.32
N VAL A 904 45.46 -5.21 -1.02
CA VAL A 904 44.95 -6.14 -0.03
C VAL A 904 43.45 -5.88 0.17
N LEU A 905 43.11 -4.61 0.43
CA LEU A 905 41.73 -4.19 0.68
C LEU A 905 40.79 -4.56 -0.46
N VAL A 906 41.21 -4.26 -1.69
CA VAL A 906 40.44 -4.65 -2.87
C VAL A 906 40.25 -6.17 -2.88
N THR A 907 41.34 -6.91 -2.68
CA THR A 907 41.31 -8.38 -2.72
C THR A 907 40.53 -9.05 -1.58
N ILE A 908 40.67 -8.58 -0.34
CA ILE A 908 39.88 -9.15 0.77
C ILE A 908 38.38 -8.94 0.57
N GLU A 909 38.01 -7.75 0.10
CA GLU A 909 36.60 -7.42 -0.13
C GLU A 909 35.98 -8.27 -1.23
N MET A 910 36.83 -8.80 -2.12
CA MET A 910 36.39 -9.73 -3.17
C MET A 910 36.02 -11.08 -2.57
N CYS A 911 36.84 -11.55 -1.62
CA CYS A 911 36.55 -12.75 -0.86
C CYS A 911 35.35 -12.53 0.06
N ASN A 912 35.32 -11.37 0.71
CA ASN A 912 34.24 -11.04 1.61
C ASN A 912 32.93 -10.76 0.86
N ALA A 913 33.03 -10.50 -0.44
CA ALA A 913 31.85 -10.40 -1.29
C ALA A 913 31.33 -11.80 -1.58
N LEU A 914 32.27 -12.72 -1.84
CA LEU A 914 31.91 -14.12 -2.01
C LEU A 914 31.38 -14.67 -0.69
N ASN A 915 32.12 -14.39 0.39
CA ASN A 915 31.71 -14.75 1.75
C ASN A 915 30.28 -14.32 2.06
N SER A 916 29.85 -13.22 1.43
CA SER A 916 28.56 -12.61 1.69
C SER A 916 27.44 -13.08 0.76
N LEU A 917 27.69 -14.14 -0.01
CA LEU A 917 26.64 -14.75 -0.83
C LEU A 917 25.60 -15.41 0.04
N SER A 918 26.07 -15.99 1.15
CA SER A 918 25.22 -16.67 2.10
C SER A 918 25.56 -16.17 3.51
N GLU A 919 24.73 -16.55 4.47
CA GLU A 919 24.96 -16.20 5.86
C GLU A 919 25.60 -17.35 6.60
N ASN A 920 25.26 -18.57 6.19
CA ASN A 920 25.58 -19.77 6.95
C ASN A 920 26.15 -20.91 6.10
N GLN A 921 25.67 -21.05 4.87
CA GLN A 921 26.13 -22.13 3.99
C GLN A 921 27.54 -21.88 3.40
N SER A 922 28.39 -22.89 3.51
CA SER A 922 29.75 -22.84 2.98
C SER A 922 29.76 -22.49 1.50
N LEU A 923 30.89 -21.97 1.01
CA LEU A 923 31.03 -21.65 -0.40
C LEU A 923 31.19 -22.91 -1.23
N MET A 924 31.39 -24.04 -0.54
CA MET A 924 31.45 -25.36 -1.17
C MET A 924 30.08 -26.04 -1.11
N ARG A 925 29.16 -25.44 -0.36
CA ARG A 925 27.77 -25.86 -0.31
C ARG A 925 26.88 -24.90 -1.12
N MET A 926 27.17 -23.61 -1.00
CA MET A 926 26.46 -22.56 -1.73
C MET A 926 27.49 -21.71 -2.49
N PRO A 927 27.97 -22.23 -3.64
CA PRO A 927 29.14 -21.77 -4.42
C PRO A 927 29.15 -20.30 -4.83
N PRO A 928 30.36 -19.74 -5.07
CA PRO A 928 30.54 -18.41 -5.66
C PRO A 928 29.93 -18.25 -7.06
N TRP A 929 29.77 -19.36 -7.78
CA TRP A 929 29.19 -19.32 -9.13
C TRP A 929 27.65 -19.38 -9.15
N VAL A 930 27.04 -19.25 -7.97
CA VAL A 930 25.58 -19.17 -7.88
C VAL A 930 25.09 -17.77 -8.30
N ASN A 931 25.98 -16.78 -8.22
CA ASN A 931 25.67 -15.44 -8.70
C ASN A 931 26.64 -15.02 -9.81
N ILE A 932 26.13 -15.02 -11.04
CA ILE A 932 26.94 -14.72 -12.22
C ILE A 932 27.25 -13.22 -12.34
N TRP A 933 26.36 -12.39 -11.80
CA TRP A 933 26.57 -10.94 -11.79
C TRP A 933 27.63 -10.54 -10.76
N LEU A 934 27.79 -11.35 -9.71
CA LEU A 934 28.82 -11.11 -8.70
C LEU A 934 30.21 -11.42 -9.23
N LEU A 935 30.37 -12.58 -9.87
CA LEU A 935 31.63 -12.90 -10.56
C LEU A 935 31.94 -11.82 -11.58
N GLY A 936 30.92 -11.44 -12.38
CA GLY A 936 31.02 -10.32 -13.31
C GLY A 936 31.45 -9.00 -12.68
N SER A 937 31.09 -8.81 -11.41
CA SER A 937 31.50 -7.62 -10.67
C SER A 937 32.89 -7.79 -10.07
N ILE A 938 33.16 -8.99 -9.56
CA ILE A 938 34.49 -9.36 -9.06
C ILE A 938 35.54 -9.05 -10.14
N CYS A 939 35.23 -9.47 -11.37
CA CYS A 939 36.11 -9.23 -12.51
C CYS A 939 36.24 -7.74 -12.80
N LEU A 940 35.11 -7.05 -12.91
CA LEU A 940 35.09 -5.62 -13.22
C LEU A 940 35.71 -4.78 -12.13
N SER A 941 35.55 -5.23 -10.89
CA SER A 941 36.12 -4.56 -9.73
C SER A 941 37.65 -4.61 -9.76
N MET A 942 38.20 -5.81 -9.96
CA MET A 942 39.64 -6.01 -10.06
C MET A 942 40.20 -5.37 -11.31
N SER A 943 39.38 -5.33 -12.37
CA SER A 943 39.80 -4.78 -13.66
C SER A 943 40.00 -3.27 -13.60
N LEU A 944 39.07 -2.57 -12.96
CA LEU A 944 39.17 -1.12 -12.80
C LEU A 944 40.26 -0.73 -11.79
N HIS A 945 40.69 -1.70 -10.98
CA HIS A 945 41.77 -1.51 -10.01
C HIS A 945 43.12 -1.34 -10.73
N PHE A 946 43.30 -2.08 -11.82
CA PHE A 946 44.48 -1.93 -12.68
C PHE A 946 44.45 -0.58 -13.40
N LEU A 947 43.25 -0.15 -13.80
CA LEU A 947 43.05 1.08 -14.57
C LEU A 947 43.58 2.32 -13.85
N ILE A 948 43.23 2.47 -12.58
CA ILE A 948 43.71 3.59 -11.77
C ILE A 948 45.15 3.39 -11.27
N LEU A 949 45.83 2.40 -11.84
CA LEU A 949 47.18 2.03 -11.41
C LEU A 949 48.19 2.04 -12.57
N TYR A 950 47.66 2.03 -13.79
CA TYR A 950 48.49 1.95 -15.01
C TYR A 950 48.37 3.19 -15.89
N VAL A 951 47.17 3.44 -16.43
CA VAL A 951 46.92 4.61 -17.27
C VAL A 951 47.22 5.88 -16.46
N ASP A 952 48.27 6.58 -16.85
CA ASP A 952 48.95 7.55 -15.98
C ASP A 952 48.13 8.65 -15.28
N PRO A 953 47.25 9.37 -16.00
CA PRO A 953 46.56 10.44 -15.30
C PRO A 953 46.09 10.04 -13.89
N LEU A 954 45.65 8.79 -13.74
CA LEU A 954 44.99 8.30 -12.51
C LEU A 954 45.91 7.86 -11.35
N PRO A 955 46.91 6.99 -11.61
CA PRO A 955 47.89 6.68 -10.56
C PRO A 955 48.71 7.88 -10.05
N MET A 956 48.21 9.08 -10.33
CA MET A 956 48.76 10.32 -9.78
C MET A 956 47.99 10.71 -8.51
N ILE A 957 46.66 10.60 -8.55
CA ILE A 957 45.82 10.85 -7.37
C ILE A 957 45.86 9.69 -6.38
N PHE A 958 46.16 8.50 -6.89
CA PHE A 958 46.48 7.34 -6.06
C PHE A 958 48.00 7.07 -6.09
N LYS A 959 48.40 5.80 -6.15
CA LYS A 959 49.80 5.40 -5.99
C LYS A 959 50.44 4.78 -7.24
N LEU A 960 51.53 4.03 -7.04
CA LEU A 960 52.29 3.43 -8.14
C LEU A 960 52.13 1.91 -8.18
N LYS A 961 52.24 1.33 -9.38
CA LYS A 961 51.95 -0.09 -9.63
C LYS A 961 52.82 -1.07 -8.84
N ALA A 962 52.19 -2.11 -8.32
CA ALA A 962 52.89 -3.18 -7.60
C ALA A 962 53.25 -4.31 -8.56
N LEU A 963 54.20 -4.03 -9.47
CA LEU A 963 54.58 -4.95 -10.54
C LEU A 963 54.70 -6.42 -10.12
N ASP A 964 55.61 -6.69 -9.19
CA ASP A 964 56.11 -8.04 -8.92
C ASP A 964 55.03 -9.07 -8.59
N LEU A 965 55.26 -10.30 -9.03
CA LEU A 965 54.38 -11.42 -8.73
C LEU A 965 54.60 -11.93 -7.31
N THR A 966 55.85 -11.83 -6.82
CA THR A 966 56.18 -12.10 -5.42
C THR A 966 55.41 -11.14 -4.52
N GLN A 967 55.31 -9.89 -4.98
CA GLN A 967 54.57 -8.83 -4.31
C GLN A 967 53.06 -9.11 -4.31
N TRP A 968 52.55 -9.58 -5.46
CA TRP A 968 51.16 -9.99 -5.58
C TRP A 968 50.87 -11.34 -4.94
N LEU A 969 51.91 -12.17 -4.77
CA LEU A 969 51.77 -13.45 -4.07
C LEU A 969 51.50 -13.23 -2.59
N MET A 970 52.23 -12.30 -1.97
CA MET A 970 52.01 -11.93 -0.58
C MET A 970 50.63 -11.26 -0.40
N VAL A 971 50.17 -10.55 -1.43
CA VAL A 971 48.82 -9.98 -1.45
C VAL A 971 47.76 -11.08 -1.32
N LEU A 972 47.92 -12.16 -2.08
CA LEU A 972 47.01 -13.29 -2.02
C LEU A 972 47.20 -14.11 -0.75
N LYS A 973 48.46 -14.33 -0.36
CA LYS A 973 48.80 -15.08 0.85
C LYS A 973 48.48 -14.34 2.16
N ILE A 974 48.20 -13.04 2.05
CA ILE A 974 47.82 -12.22 3.21
C ILE A 974 46.30 -11.99 3.25
N SER A 975 45.66 -12.15 2.11
CA SER A 975 44.25 -11.79 1.93
C SER A 975 43.33 -13.00 1.86
N LEU A 976 43.76 -14.02 1.12
CA LEU A 976 42.94 -15.19 0.88
C LEU A 976 42.55 -16.05 2.11
N PRO A 977 43.38 -16.06 3.18
CA PRO A 977 42.97 -16.73 4.41
C PRO A 977 41.71 -16.15 5.09
N VAL A 978 41.18 -15.04 4.59
CA VAL A 978 39.95 -14.49 5.16
C VAL A 978 38.75 -15.38 4.84
N ILE A 979 38.78 -16.00 3.66
CA ILE A 979 37.82 -17.04 3.28
C ILE A 979 37.84 -18.10 4.37
N GLY A 980 39.04 -18.57 4.69
CA GLY A 980 39.27 -19.61 5.68
C GLY A 980 38.80 -19.27 7.08
N LEU A 981 39.01 -18.02 7.51
CA LEU A 981 38.55 -17.58 8.82
C LEU A 981 37.04 -17.62 8.86
N ASP A 982 36.41 -16.90 7.93
CA ASP A 982 34.96 -16.78 7.88
C ASP A 982 34.33 -18.17 7.80
N GLU A 983 34.82 -18.99 6.87
CA GLU A 983 34.33 -20.36 6.68
C GLU A 983 34.26 -21.16 7.98
N ILE A 984 35.35 -21.13 8.76
CA ILE A 984 35.38 -21.74 10.10
C ILE A 984 34.20 -21.21 10.93
N LEU A 985 34.09 -19.88 10.99
CA LEU A 985 33.04 -19.22 11.76
C LEU A 985 31.66 -19.38 11.14
N LYS A 986 31.61 -19.34 9.80
CA LYS A 986 30.37 -19.49 9.04
C LYS A 986 29.69 -20.81 9.38
N PHE A 987 30.45 -21.89 9.35
CA PHE A 987 29.99 -23.15 9.92
C PHE A 987 30.76 -23.53 11.18
N ILE A 988 30.56 -22.70 12.19
CA ILE A 988 30.73 -23.10 13.59
C ILE A 988 29.30 -23.20 14.12
N ALA A 989 28.36 -22.68 13.31
CA ALA A 989 26.92 -22.72 13.53
C ALA A 989 26.35 -24.14 13.55
N ARG A 990 27.14 -25.10 13.07
CA ARG A 990 26.89 -26.53 13.27
C ARG A 990 26.89 -26.86 14.78
N ASN A 991 27.88 -26.33 15.50
CA ASN A 991 27.95 -26.46 16.95
C ASN A 991 27.04 -25.47 17.68
N TYR A 992 27.02 -24.22 17.22
CA TYR A 992 26.25 -23.13 17.85
C TYR A 992 24.74 -23.28 17.66
N LEU A 993 24.30 -24.48 17.27
CA LEU A 993 22.88 -24.85 17.15
C LEU A 993 21.94 -23.74 16.65
N GLU A 994 22.37 -23.03 15.61
CA GLU A 994 21.55 -22.00 14.98
C GLU A 994 21.63 -22.10 13.45
N GLY A 995 20.46 -22.22 12.82
CA GLY A 995 20.35 -22.35 11.37
C GLY A 995 19.05 -23.02 10.95
C34 TG1 B . 23.55 -2.54 16.25
C11 TG1 B . 24.26 -1.58 15.29
C7 TG1 B . 25.68 -2.01 14.95
C8 TG1 B . 25.81 -2.85 13.67
C9 TG1 B . 27.15 -3.60 13.50
C10 TG1 B . 28.48 -2.81 13.39
C1 TG1 B . 28.74 -1.99 14.69
C2 TG1 B . 30.16 -1.50 14.87
O1 TG1 B . 30.60 -1.81 16.20
C13 TG1 B . 32.04 -2.07 16.34
O2 TG1 B . 32.73 -2.31 15.35
C14 TG1 B . 32.67 -2.04 17.72
C15 TG1 B . 33.78 -1.00 17.78
C16 TG1 B . 35.14 -1.64 17.54
C17 TG1 B . 36.06 -0.73 16.73
C18 TG1 B . 37.53 -0.91 17.11
C19 TG1 B . 38.02 0.21 18.02
C20 TG1 B . 38.96 1.14 17.29
C3 TG1 B . 30.14 0.02 14.70
O3 TG1 B . 30.66 0.36 13.41
C21 TG1 B . 31.73 1.29 13.45
O4 TG1 B . 32.11 1.59 14.80
C22 TG1 B . 32.90 0.75 12.66
C23 TG1 B . 33.97 -0.01 13.39
C24 TG1 B . 33.02 0.92 11.34
C25 TG1 B . 32.02 1.65 10.48
C4 TG1 B . 28.70 0.36 14.76
C26 TG1 B . 28.22 1.79 14.78
C5 TG1 B . 27.93 -0.72 14.77
C6 TG1 B . 26.41 -0.66 14.81
O5 TG1 B . 25.87 0.19 15.82
C12 TG1 B . 24.49 -0.25 15.93
O12 TG1 B . 23.63 0.43 16.47
C31 TG1 B . 28.49 -1.97 12.13
O9 TG1 B . 29.54 -3.74 13.12
C32 TG1 B . 30.01 -4.87 13.92
O10 TG1 B . 29.21 -5.62 14.44
C33 TG1 B . 31.48 -5.11 14.04
O7 TG1 B . 25.54 -2.00 12.55
C27 TG1 B . 24.40 -2.37 11.73
O8 TG1 B . 23.89 -3.47 11.85
C28 TG1 B . 23.89 -1.34 10.73
C29 TG1 B . 22.52 -1.71 10.18
C30 TG1 B . 21.72 -0.45 9.91
O6 TG1 B . 26.22 -2.74 16.06
O11 TG1 B . 23.47 -1.42 14.10
O2 CZA C . 22.92 8.79 6.88
C6 CZA C . 23.54 8.15 6.04
C3 CZA C . 24.09 6.96 6.23
C2 CZA C . 23.77 6.10 7.21
O1 CZA C . 22.85 6.44 8.10
C1 CZA C . 24.38 4.92 7.31
C5 CZA C . 23.80 8.59 4.63
C7 CZA C . 24.07 10.06 4.42
C15 CZA C . 23.31 10.49 3.23
C16 CZA C . 21.91 10.61 3.27
N2 CZA C . 21.60 11.83 2.76
C17 CZA C . 22.74 12.50 2.46
C14 CZA C . 23.81 11.67 2.77
C18 CZA C . 23.03 13.76 1.95
C19 CZA C . 24.36 14.15 1.75
C20 CZA C . 25.42 13.29 2.08
C13 CZA C . 25.12 12.03 2.59
C12 CZA C . 26.12 11.00 3.00
C8 CZA C . 25.60 10.19 4.20
C9 CZA C . 26.16 8.77 4.27
C10 CZA C . 27.08 8.46 3.09
C11 CZA C . 26.94 8.69 5.58
N1 CZA C . 25.01 7.84 4.24
C4 CZA C . 25.05 6.75 5.15
O3 CZA C . 25.77 5.78 5.04
#